data_6SEV
#
_entry.id   6SEV
#
_cell.length_a   84.831
_cell.length_b   84.831
_cell.length_c   267.358
_cell.angle_alpha   90.00
_cell.angle_beta   90.00
_cell.angle_gamma   90.00
#
_symmetry.space_group_name_H-M   'P 41 21 2'
#
loop_
_entity.id
_entity.type
_entity.pdbx_description
1 polymer 'DNA starvation/stationary phase protection protein'
2 non-polymer 'ZINC ION'
3 water water
#
_entity_poly.entity_id   1
_entity_poly.type   'polypeptide(L)'
_entity_poly.pdbx_seq_one_letter_code
;VDTKEFLNHQVANLNVFTVKIHQIHWYMRGHNFFTLHEKMDDLYSEFGEQMDEVAERLLAIGGSPFSTLKEFLENASVEE
APYTKPKTMDQLMEDLVGTLELLRDEYKQGIELTDKEGDDVTNDMLIAFKASIDKHIWMFKAFLGKAPLE
;
_entity_poly.pdbx_strand_id   A,B,C,D,E,F
#
loop_
_chem_comp.id
_chem_comp.type
_chem_comp.name
_chem_comp.formula
ZN non-polymer 'ZINC ION' 'Zn 2'
#
# COMPACT_ATOMS: atom_id res chain seq x y z
N VAL A 1 -27.40 -19.81 -10.68
CA VAL A 1 -26.27 -19.42 -9.85
C VAL A 1 -25.18 -18.81 -10.72
N ASP A 2 -24.97 -17.50 -10.60
CA ASP A 2 -23.92 -16.79 -11.32
C ASP A 2 -22.86 -16.32 -10.32
N THR A 3 -21.83 -15.63 -10.85
CA THR A 3 -20.71 -15.22 -10.01
C THR A 3 -21.17 -14.32 -8.86
N LYS A 4 -22.01 -13.34 -9.17
CA LYS A 4 -22.50 -12.42 -8.14
C LYS A 4 -23.18 -13.18 -7.00
N GLU A 5 -24.10 -14.09 -7.34
CA GLU A 5 -24.81 -14.84 -6.31
C GLU A 5 -23.86 -15.75 -5.53
N PHE A 6 -22.88 -16.34 -6.21
CA PHE A 6 -21.94 -17.21 -5.53
C PHE A 6 -21.13 -16.43 -4.50
N LEU A 7 -20.59 -15.27 -4.89
CA LEU A 7 -19.81 -14.47 -3.96
C LEU A 7 -20.64 -14.05 -2.75
N ASN A 8 -21.89 -13.64 -2.98
CA ASN A 8 -22.74 -13.26 -1.86
C ASN A 8 -22.99 -14.44 -0.94
N HIS A 9 -23.12 -15.64 -1.52
CA HIS A 9 -23.28 -16.84 -0.71
C HIS A 9 -22.07 -17.04 0.20
N GLN A 10 -20.87 -16.79 -0.32
CA GLN A 10 -19.68 -16.96 0.51
C GLN A 10 -19.54 -15.87 1.56
N VAL A 11 -20.00 -14.66 1.26
CA VAL A 11 -20.06 -13.62 2.29
C VAL A 11 -20.86 -14.11 3.49
N ALA A 12 -22.01 -14.75 3.24
CA ALA A 12 -22.81 -15.29 4.33
C ALA A 12 -22.08 -16.43 5.03
N ASN A 13 -21.49 -17.35 4.26
CA ASN A 13 -20.77 -18.49 4.83
C ASN A 13 -19.66 -18.02 5.77
N LEU A 14 -18.85 -17.07 5.33
CA LEU A 14 -17.68 -16.67 6.11
C LEU A 14 -18.08 -15.98 7.40
N ASN A 15 -19.17 -15.21 7.40
CA ASN A 15 -19.65 -14.59 8.62
C ASN A 15 -20.13 -15.66 9.62
N VAL A 16 -20.74 -16.73 9.12
CA VAL A 16 -21.11 -17.82 10.01
C VAL A 16 -19.85 -18.54 10.48
N PHE A 17 -18.86 -18.69 9.59
CA PHE A 17 -17.63 -19.40 9.95
C PHE A 17 -16.85 -18.66 11.03
N THR A 18 -16.67 -17.34 10.89
CA THR A 18 -15.88 -16.59 11.85
C THR A 18 -16.51 -16.62 13.24
N VAL A 19 -17.84 -16.57 13.31
CA VAL A 19 -18.51 -16.68 14.60
C VAL A 19 -18.29 -18.07 15.20
N LYS A 20 -18.27 -19.10 14.34
CA LYS A 20 -17.95 -20.43 14.81
C LYS A 20 -16.52 -20.51 15.33
N ILE A 21 -15.59 -19.82 14.66
CA ILE A 21 -14.21 -19.77 15.14
C ILE A 21 -14.15 -19.16 16.52
N HIS A 22 -14.91 -18.09 16.76
CA HIS A 22 -14.97 -17.50 18.09
C HIS A 22 -15.56 -18.47 19.11
N GLN A 23 -16.59 -19.23 18.70
CA GLN A 23 -17.16 -20.25 19.59
C GLN A 23 -16.10 -21.23 20.07
N ILE A 24 -15.35 -21.80 19.13
CA ILE A 24 -14.26 -22.71 19.48
C ILE A 24 -13.20 -21.99 20.29
N HIS A 25 -12.87 -20.76 19.90
CA HIS A 25 -11.90 -19.94 20.62
C HIS A 25 -12.28 -19.78 22.09
N TRP A 26 -13.57 -19.60 22.36
CA TRP A 26 -14.02 -19.27 23.72
C TRP A 26 -14.16 -20.51 24.59
N TYR A 27 -14.75 -21.58 24.05
CA TYR A 27 -15.22 -22.71 24.85
C TYR A 27 -14.23 -23.86 24.96
N MET A 28 -13.15 -23.86 24.19
CA MET A 28 -12.22 -24.99 24.17
C MET A 28 -11.61 -25.25 25.54
N ARG A 29 -11.37 -26.54 25.83
CA ARG A 29 -10.67 -26.97 27.03
C ARG A 29 -9.76 -28.15 26.66
N GLY A 30 -8.79 -28.42 27.52
CA GLY A 30 -7.86 -29.51 27.31
C GLY A 30 -6.42 -29.04 27.25
N HIS A 31 -5.52 -30.03 27.12
CA HIS A 31 -4.08 -29.78 27.14
C HIS A 31 -3.62 -28.86 26.02
N ASN A 32 -4.35 -28.80 24.91
CA ASN A 32 -3.96 -28.00 23.75
C ASN A 32 -4.56 -26.61 23.76
N PHE A 33 -5.07 -26.16 24.91
CA PHE A 33 -5.79 -24.88 24.95
C PHE A 33 -4.94 -23.73 24.46
N PHE A 34 -3.74 -23.56 25.01
CA PHE A 34 -2.95 -22.37 24.72
C PHE A 34 -2.56 -22.30 23.25
N THR A 35 -2.13 -23.43 22.68
CA THR A 35 -1.77 -23.45 21.26
C THR A 35 -2.98 -23.16 20.38
N LEU A 36 -4.09 -23.86 20.62
CA LEU A 36 -5.26 -23.75 19.75
C LEU A 36 -6.09 -22.51 20.02
N HIS A 37 -6.05 -21.97 21.24
CA HIS A 37 -6.70 -20.68 21.49
C HIS A 37 -6.13 -19.60 20.60
N GLU A 38 -4.80 -19.47 20.56
CA GLU A 38 -4.18 -18.47 19.69
C GLU A 38 -4.43 -18.79 18.23
N LYS A 39 -4.34 -20.07 17.85
CA LYS A 39 -4.56 -20.46 16.47
C LYS A 39 -5.92 -20.01 15.97
N MET A 40 -6.94 -20.06 16.82
CA MET A 40 -8.26 -19.60 16.40
C MET A 40 -8.24 -18.10 16.13
N ASP A 41 -7.49 -17.34 16.95
CA ASP A 41 -7.33 -15.91 16.68
C ASP A 41 -6.79 -15.67 15.28
N ASP A 42 -5.80 -16.47 14.87
CA ASP A 42 -5.24 -16.33 13.54
C ASP A 42 -6.29 -16.63 12.47
N LEU A 43 -7.02 -17.74 12.63
CA LEU A 43 -8.04 -18.10 11.66
C LEU A 43 -9.13 -17.04 11.58
N TYR A 44 -9.55 -16.52 12.74
CA TYR A 44 -10.56 -15.46 12.75
C TYR A 44 -10.12 -14.28 11.91
N SER A 45 -8.87 -13.85 12.08
CA SER A 45 -8.37 -12.70 11.32
C SER A 45 -8.29 -13.03 9.84
N GLU A 46 -7.75 -14.21 9.50
CA GLU A 46 -7.57 -14.56 8.09
C GLU A 46 -8.92 -14.69 7.37
N PHE A 47 -9.86 -15.41 7.97
CA PHE A 47 -11.13 -15.61 7.29
C PHE A 47 -12.02 -14.38 7.37
N GLY A 48 -11.89 -13.58 8.44
CA GLY A 48 -12.48 -12.26 8.42
C GLY A 48 -11.91 -11.40 7.29
N GLU A 49 -10.64 -11.61 6.96
CA GLU A 49 -10.01 -10.89 5.85
C GLU A 49 -10.53 -11.39 4.52
N GLN A 50 -10.68 -12.71 4.37
CA GLN A 50 -11.31 -13.26 3.16
C GLN A 50 -12.69 -12.65 2.93
N MET A 51 -13.49 -12.55 4.00
CA MET A 51 -14.86 -12.09 3.87
C MET A 51 -14.92 -10.67 3.30
N ASP A 52 -14.10 -9.76 3.82
CA ASP A 52 -14.08 -8.40 3.30
C ASP A 52 -13.64 -8.38 1.84
N GLU A 53 -12.64 -9.18 1.48
CA GLU A 53 -12.17 -9.20 0.10
C GLU A 53 -13.23 -9.75 -0.83
N VAL A 54 -13.94 -10.80 -0.42
CA VAL A 54 -15.01 -11.37 -1.23
C VAL A 54 -16.11 -10.33 -1.42
N ALA A 55 -16.52 -9.69 -0.33
CA ALA A 55 -17.55 -8.66 -0.41
C ALA A 55 -17.14 -7.52 -1.33
N GLU A 56 -15.89 -7.08 -1.24
CA GLU A 56 -15.46 -5.96 -2.06
C GLU A 56 -15.22 -6.37 -3.51
N ARG A 57 -14.90 -7.63 -3.76
CA ARG A 57 -14.86 -8.11 -5.14
C ARG A 57 -16.27 -8.13 -5.72
N LEU A 58 -17.25 -8.57 -4.93
CA LEU A 58 -18.64 -8.50 -5.35
C LEU A 58 -19.03 -7.06 -5.68
N LEU A 59 -18.66 -6.11 -4.83
CA LEU A 59 -18.93 -4.70 -5.12
C LEU A 59 -18.29 -4.29 -6.43
N ALA A 60 -17.07 -4.74 -6.69
CA ALA A 60 -16.33 -4.29 -7.87
C ALA A 60 -16.93 -4.78 -9.17
N ILE A 61 -17.73 -5.84 -9.16
CA ILE A 61 -18.35 -6.37 -10.37
C ILE A 61 -19.82 -5.99 -10.47
N GLY A 62 -20.29 -5.07 -9.61
CA GLY A 62 -21.63 -4.56 -9.70
C GLY A 62 -22.64 -5.14 -8.74
N GLY A 63 -22.20 -6.03 -7.83
CA GLY A 63 -23.12 -6.70 -6.93
C GLY A 63 -23.41 -5.88 -5.69
N SER A 64 -24.25 -6.46 -4.83
CA SER A 64 -24.65 -5.84 -3.57
C SER A 64 -24.55 -6.89 -2.48
N PRO A 65 -23.56 -6.83 -1.61
CA PRO A 65 -23.36 -7.89 -0.62
C PRO A 65 -24.39 -7.87 0.49
N PHE A 66 -24.74 -9.07 0.97
CA PHE A 66 -25.51 -9.19 2.21
C PHE A 66 -24.77 -8.47 3.33
N SER A 67 -25.52 -7.77 4.17
CA SER A 67 -24.88 -6.91 5.17
C SER A 67 -25.63 -6.89 6.49
N THR A 68 -26.32 -7.99 6.83
CA THR A 68 -27.02 -8.14 8.09
C THR A 68 -26.87 -9.57 8.56
N LEU A 69 -26.94 -9.77 9.87
CA LEU A 69 -26.92 -11.12 10.42
C LEU A 69 -28.09 -11.94 9.89
N LYS A 70 -29.26 -11.31 9.75
CA LYS A 70 -30.42 -11.96 9.16
C LYS A 70 -30.09 -12.57 7.80
N GLU A 71 -29.54 -11.75 6.89
CA GLU A 71 -29.22 -12.25 5.55
C GLU A 71 -28.17 -13.35 5.59
N PHE A 72 -27.24 -13.30 6.54
CA PHE A 72 -26.21 -14.34 6.60
C PHE A 72 -26.81 -15.69 6.96
N LEU A 73 -27.63 -15.73 8.02
CA LEU A 73 -28.25 -16.99 8.42
C LEU A 73 -29.13 -17.56 7.32
N GLU A 74 -29.90 -16.69 6.66
CA GLU A 74 -30.87 -17.15 5.66
C GLU A 74 -30.19 -17.72 4.42
N ASN A 75 -28.95 -17.32 4.14
CA ASN A 75 -28.29 -17.67 2.88
C ASN A 75 -27.11 -18.60 3.04
N ALA A 76 -26.63 -18.84 4.27
CA ALA A 76 -25.40 -19.60 4.46
C ALA A 76 -25.67 -21.09 4.43
N SER A 77 -24.81 -21.82 3.70
CA SER A 77 -24.80 -23.28 3.78
C SER A 77 -23.96 -23.78 4.95
N VAL A 78 -23.13 -22.92 5.55
CA VAL A 78 -22.39 -23.30 6.75
C VAL A 78 -23.35 -23.34 7.92
N GLU A 79 -23.22 -24.37 8.75
CA GLU A 79 -24.17 -24.63 9.82
C GLU A 79 -23.55 -24.28 11.17
N GLU A 80 -24.38 -23.75 12.06
CA GLU A 80 -23.98 -23.38 13.41
C GLU A 80 -24.93 -24.00 14.42
N ALA A 81 -24.39 -24.28 15.61
CA ALA A 81 -25.17 -24.82 16.71
C ALA A 81 -24.67 -24.14 17.98
N PRO A 82 -25.56 -23.69 18.86
CA PRO A 82 -25.11 -23.15 20.15
C PRO A 82 -24.34 -24.19 20.94
N TYR A 83 -23.57 -23.72 21.91
CA TYR A 83 -22.68 -24.59 22.68
C TYR A 83 -23.40 -24.99 23.96
N THR A 84 -23.73 -26.28 24.06
CA THR A 84 -24.56 -26.78 25.15
C THR A 84 -23.76 -27.69 26.07
N LYS A 85 -23.64 -28.95 25.68
CA LYS A 85 -22.85 -29.91 26.46
C LYS A 85 -21.38 -29.76 26.11
N PRO A 86 -20.49 -29.91 27.10
CA PRO A 86 -19.05 -29.79 26.84
C PRO A 86 -18.59 -30.75 25.75
N LYS A 87 -17.61 -30.31 24.98
CA LYS A 87 -17.09 -31.08 23.85
C LYS A 87 -15.57 -31.15 23.99
N THR A 88 -14.99 -32.18 23.38
CA THR A 88 -13.55 -32.35 23.48
C THR A 88 -12.85 -31.54 22.40
N MET A 89 -11.55 -31.34 22.59
CA MET A 89 -10.75 -30.62 21.60
C MET A 89 -10.86 -31.28 20.23
N ASP A 90 -10.82 -32.62 20.20
CA ASP A 90 -10.92 -33.32 18.92
C ASP A 90 -12.27 -33.06 18.26
N GLN A 91 -13.35 -33.03 19.04
CA GLN A 91 -14.68 -32.82 18.45
C GLN A 91 -14.82 -31.40 17.89
N LEU A 92 -14.33 -30.40 18.62
CA LEU A 92 -14.37 -29.04 18.12
C LEU A 92 -13.58 -28.90 16.83
N MET A 93 -12.40 -29.52 16.78
CA MET A 93 -11.59 -29.45 15.56
C MET A 93 -12.24 -30.19 14.40
N GLU A 94 -12.98 -31.27 14.68
CA GLU A 94 -13.69 -31.96 13.61
C GLU A 94 -14.82 -31.11 13.06
N ASP A 95 -15.48 -30.31 13.90
CA ASP A 95 -16.44 -29.34 13.39
C ASP A 95 -15.74 -28.30 12.50
N LEU A 96 -14.57 -27.84 12.92
CA LEU A 96 -13.82 -26.86 12.15
C LEU A 96 -13.37 -27.45 10.80
N VAL A 97 -12.79 -28.65 10.84
CA VAL A 97 -12.32 -29.30 9.62
C VAL A 97 -13.48 -29.56 8.66
N GLY A 98 -14.63 -29.99 9.20
CA GLY A 98 -15.80 -30.20 8.36
C GLY A 98 -16.20 -28.94 7.62
N THR A 99 -16.24 -27.81 8.31
CA THR A 99 -16.59 -26.54 7.68
C THR A 99 -15.54 -26.13 6.66
N LEU A 100 -14.25 -26.38 6.94
CA LEU A 100 -13.21 -26.06 5.97
C LEU A 100 -13.39 -26.87 4.68
N GLU A 101 -13.70 -28.17 4.81
CA GLU A 101 -13.96 -28.98 3.63
C GLU A 101 -15.17 -28.47 2.86
N LEU A 102 -16.21 -28.04 3.57
CA LEU A 102 -17.35 -27.40 2.93
C LEU A 102 -16.91 -26.20 2.10
N LEU A 103 -16.18 -25.27 2.73
CA LEU A 103 -15.74 -24.07 2.00
C LEU A 103 -14.85 -24.45 0.82
N ARG A 104 -13.96 -25.43 1.00
CA ARG A 104 -13.12 -25.88 -0.10
C ARG A 104 -13.95 -26.31 -1.29
N ASP A 105 -14.92 -27.20 -1.08
CA ASP A 105 -15.71 -27.73 -2.19
C ASP A 105 -16.55 -26.62 -2.83
N GLU A 106 -17.10 -25.72 -2.02
CA GLU A 106 -17.88 -24.64 -2.60
C GLU A 106 -16.98 -23.70 -3.40
N TYR A 107 -15.76 -23.48 -2.91
CA TYR A 107 -14.81 -22.67 -3.67
C TYR A 107 -14.44 -23.35 -4.98
N LYS A 108 -14.26 -24.68 -4.95
CA LYS A 108 -14.07 -25.44 -6.18
C LYS A 108 -15.20 -25.18 -7.19
N GLN A 109 -16.44 -25.15 -6.70
CA GLN A 109 -17.57 -24.83 -7.56
C GLN A 109 -17.46 -23.41 -8.11
N GLY A 110 -17.18 -22.44 -7.23
CA GLY A 110 -17.01 -21.07 -7.69
C GLY A 110 -15.89 -20.90 -8.69
N ILE A 111 -14.81 -21.66 -8.55
CA ILE A 111 -13.70 -21.55 -9.48
C ILE A 111 -14.15 -21.98 -10.87
N GLU A 112 -14.88 -23.08 -10.96
CA GLU A 112 -15.43 -23.51 -12.24
C GLU A 112 -16.46 -22.51 -12.74
N LEU A 113 -17.33 -22.02 -11.85
CA LEU A 113 -18.33 -21.03 -12.23
C LEU A 113 -17.67 -19.78 -12.83
N THR A 114 -16.56 -19.33 -12.22
CA THR A 114 -15.92 -18.11 -12.71
C THR A 114 -15.17 -18.36 -14.02
N ASP A 115 -14.61 -19.56 -14.17
CA ASP A 115 -14.02 -19.96 -15.44
C ASP A 115 -15.06 -19.88 -16.57
N LYS A 116 -16.30 -20.28 -16.27
CA LYS A 116 -17.37 -20.23 -17.25
C LYS A 116 -17.68 -18.80 -17.68
N GLU A 117 -17.89 -17.91 -16.72
CA GLU A 117 -18.27 -16.53 -16.99
C GLU A 117 -17.12 -15.67 -17.50
N GLY A 118 -15.91 -16.19 -17.53
CA GLY A 118 -14.77 -15.43 -17.98
C GLY A 118 -14.33 -14.38 -16.97
N ASP A 119 -14.62 -14.59 -15.69
CA ASP A 119 -14.22 -13.67 -14.63
C ASP A 119 -12.88 -14.14 -14.09
N ASP A 120 -11.81 -13.64 -14.70
CA ASP A 120 -10.48 -14.11 -14.37
C ASP A 120 -10.03 -13.62 -12.99
N VAL A 121 -10.41 -12.40 -12.63
CA VAL A 121 -9.99 -11.86 -11.33
C VAL A 121 -10.62 -12.67 -10.20
N THR A 122 -11.94 -12.84 -10.23
CA THR A 122 -12.60 -13.61 -9.18
C THR A 122 -12.11 -15.05 -9.16
N ASN A 123 -11.84 -15.61 -10.34
CA ASN A 123 -11.25 -16.93 -10.42
C ASN A 123 -9.93 -17.00 -9.65
N ASP A 124 -9.04 -16.04 -9.89
CA ASP A 124 -7.73 -16.04 -9.22
C ASP A 124 -7.88 -15.82 -7.72
N MET A 125 -8.79 -14.94 -7.30
CA MET A 125 -9.02 -14.70 -5.89
C MET A 125 -9.42 -15.98 -5.16
N LEU A 126 -10.35 -16.75 -5.74
CA LEU A 126 -10.84 -17.95 -5.09
C LEU A 126 -9.76 -19.03 -5.01
N ILE A 127 -8.92 -19.12 -6.04
CA ILE A 127 -7.84 -20.11 -6.03
C ILE A 127 -6.89 -19.84 -4.87
N ALA A 128 -6.50 -18.58 -4.69
CA ALA A 128 -5.61 -18.23 -3.58
C ALA A 128 -6.24 -18.56 -2.24
N PHE A 129 -7.53 -18.23 -2.06
CA PHE A 129 -8.21 -18.59 -0.81
C PHE A 129 -8.24 -20.10 -0.62
N LYS A 130 -8.46 -20.85 -1.70
CA LYS A 130 -8.52 -22.31 -1.60
C LYS A 130 -7.17 -22.89 -1.20
N ALA A 131 -6.08 -22.31 -1.71
CA ALA A 131 -4.74 -22.74 -1.30
C ALA A 131 -4.58 -22.72 0.20
N SER A 132 -5.04 -21.66 0.86
CA SER A 132 -4.93 -21.56 2.31
C SER A 132 -5.82 -22.59 3.00
N ILE A 133 -7.04 -22.77 2.50
CA ILE A 133 -7.94 -23.76 3.08
C ILE A 133 -7.35 -25.17 2.98
N ASP A 134 -6.75 -25.50 1.84
CA ASP A 134 -6.12 -26.81 1.70
C ASP A 134 -4.99 -27.00 2.70
N LYS A 135 -4.19 -25.95 2.95
CA LYS A 135 -3.12 -26.07 3.92
C LYS A 135 -3.67 -26.27 5.32
N HIS A 136 -4.69 -25.50 5.71
CA HIS A 136 -5.31 -25.68 7.02
C HIS A 136 -5.90 -27.08 7.16
N ILE A 137 -6.52 -27.59 6.09
CA ILE A 137 -7.12 -28.92 6.14
C ILE A 137 -6.04 -29.97 6.46
N TRP A 138 -4.91 -29.90 5.75
CA TRP A 138 -3.81 -30.82 6.03
C TRP A 138 -3.37 -30.70 7.48
N MET A 139 -3.17 -29.47 7.94
CA MET A 139 -2.61 -29.26 9.28
C MET A 139 -3.57 -29.69 10.39
N PHE A 140 -4.85 -29.34 10.26
CA PHE A 140 -5.79 -29.70 11.32
C PHE A 140 -6.14 -31.18 11.29
N LYS A 141 -6.15 -31.80 10.11
CA LYS A 141 -6.30 -33.25 10.05
C LYS A 141 -5.08 -33.95 10.65
N ALA A 142 -3.87 -33.44 10.36
CA ALA A 142 -2.67 -33.97 11.01
C ALA A 142 -2.78 -33.87 12.52
N PHE A 143 -3.37 -32.78 13.02
CA PHE A 143 -3.62 -32.65 14.46
C PHE A 143 -4.53 -33.77 14.95
N LEU A 144 -5.53 -34.13 14.16
CA LEU A 144 -6.46 -35.19 14.53
C LEU A 144 -5.92 -36.58 14.24
N GLY A 145 -4.69 -36.68 13.70
CA GLY A 145 -4.11 -37.96 13.38
C GLY A 145 -4.46 -38.50 12.01
N LYS A 146 -5.13 -37.71 11.19
CA LYS A 146 -5.66 -38.18 9.91
C LYS A 146 -4.90 -37.57 8.75
N ALA A 147 -5.07 -38.18 7.58
CA ALA A 147 -4.55 -37.64 6.33
C ALA A 147 -5.52 -36.57 5.81
N PRO A 148 -5.04 -35.66 4.95
CA PRO A 148 -5.91 -34.54 4.52
C PRO A 148 -7.20 -34.98 3.87
N LEU A 149 -7.17 -36.00 3.02
CA LEU A 149 -8.35 -36.43 2.28
C LEU A 149 -9.07 -37.59 2.95
N GLU A 150 -8.74 -37.88 4.21
CA GLU A 150 -9.39 -38.94 4.98
C GLU A 150 -10.46 -38.37 5.90
N VAL B 1 -1.54 -8.01 -32.63
CA VAL B 1 -0.66 -7.86 -31.47
C VAL B 1 -0.31 -9.21 -30.86
N ASP B 2 0.97 -9.40 -30.55
CA ASP B 2 1.43 -10.53 -29.76
C ASP B 2 1.77 -10.04 -28.36
N THR B 3 2.21 -10.96 -27.50
CA THR B 3 2.44 -10.65 -26.10
C THR B 3 3.50 -9.56 -25.95
N LYS B 4 4.62 -9.68 -26.65
CA LYS B 4 5.69 -8.69 -26.55
C LYS B 4 5.17 -7.29 -26.90
N GLU B 5 4.47 -7.15 -28.03
CA GLU B 5 3.95 -5.83 -28.41
C GLU B 5 2.90 -5.33 -27.43
N PHE B 6 2.08 -6.23 -26.88
CA PHE B 6 1.07 -5.80 -25.93
C PHE B 6 1.74 -5.23 -24.67
N LEU B 7 2.71 -5.95 -24.12
CA LEU B 7 3.40 -5.49 -22.93
C LEU B 7 4.09 -4.15 -23.18
N ASN B 8 4.72 -3.99 -24.35
CA ASN B 8 5.37 -2.73 -24.68
C ASN B 8 4.35 -1.61 -24.80
N HIS B 9 3.16 -1.91 -25.35
CA HIS B 9 2.10 -0.92 -25.40
C HIS B 9 1.73 -0.45 -24.00
N GLN B 10 1.69 -1.38 -23.05
CA GLN B 10 1.34 -1.01 -21.68
C GLN B 10 2.47 -0.26 -20.98
N VAL B 11 3.73 -0.57 -21.31
CA VAL B 11 4.85 0.23 -20.82
C VAL B 11 4.64 1.69 -21.16
N ALA B 12 4.24 1.98 -22.40
CA ALA B 12 3.95 3.35 -22.82
C ALA B 12 2.73 3.90 -22.10
N ASN B 13 1.65 3.12 -22.00
CA ASN B 13 0.45 3.57 -21.32
C ASN B 13 0.73 3.98 -19.88
N LEU B 14 1.46 3.13 -19.16
CA LEU B 14 1.66 3.38 -17.73
C LEU B 14 2.53 4.60 -17.49
N ASN B 15 3.52 4.86 -18.36
CA ASN B 15 4.33 6.07 -18.21
C ASN B 15 3.49 7.32 -18.43
N VAL B 16 2.55 7.27 -19.37
CA VAL B 16 1.65 8.41 -19.55
C VAL B 16 0.71 8.53 -18.35
N PHE B 17 0.25 7.39 -17.81
CA PHE B 17 -0.68 7.42 -16.68
C PHE B 17 -0.04 8.01 -15.43
N THR B 18 1.19 7.59 -15.10
CA THR B 18 1.83 8.10 -13.87
C THR B 18 2.06 9.59 -13.96
N VAL B 19 2.41 10.10 -15.15
CA VAL B 19 2.55 11.54 -15.31
C VAL B 19 1.20 12.23 -15.15
N LYS B 20 0.13 11.59 -15.63
CA LYS B 20 -1.21 12.13 -15.41
C LYS B 20 -1.57 12.14 -13.93
N ILE B 21 -1.18 11.10 -13.19
CA ILE B 21 -1.41 11.09 -11.75
C ILE B 21 -0.70 12.26 -11.09
N HIS B 22 0.54 12.54 -11.49
CA HIS B 22 1.25 13.69 -10.96
C HIS B 22 0.51 14.99 -11.31
N GLN B 23 -0.02 15.09 -12.53
CA GLN B 23 -0.78 16.28 -12.93
C GLN B 23 -1.93 16.53 -11.97
N ILE B 24 -2.74 15.50 -11.70
CA ILE B 24 -3.82 15.62 -10.72
C ILE B 24 -3.24 15.93 -9.34
N HIS B 25 -2.16 15.26 -8.98
CA HIS B 25 -1.48 15.48 -7.70
C HIS B 25 -1.11 16.95 -7.52
N TRP B 26 -0.61 17.60 -8.58
CA TRP B 26 -0.09 18.96 -8.47
C TRP B 26 -1.19 20.01 -8.53
N TYR B 27 -2.15 19.85 -9.45
CA TYR B 27 -3.08 20.94 -9.78
C TYR B 27 -4.40 20.88 -9.03
N MET B 28 -4.69 19.78 -8.31
CA MET B 28 -5.98 19.64 -7.65
C MET B 28 -6.23 20.75 -6.64
N ARG B 29 -7.48 21.17 -6.53
CA ARG B 29 -7.93 22.10 -5.51
C ARG B 29 -9.28 21.66 -4.99
N GLY B 30 -9.63 22.15 -3.81
CA GLY B 30 -10.91 21.84 -3.20
C GLY B 30 -10.76 21.18 -1.84
N HIS B 31 -11.91 20.99 -1.20
CA HIS B 31 -11.96 20.49 0.18
C HIS B 31 -11.37 19.09 0.33
N ASN B 32 -11.30 18.32 -0.74
CA ASN B 32 -10.77 16.97 -0.66
C ASN B 32 -9.28 16.90 -0.99
N PHE B 33 -8.60 18.06 -0.96
CA PHE B 33 -7.20 18.12 -1.40
C PHE B 33 -6.31 17.17 -0.60
N PHE B 34 -6.38 17.24 0.73
CA PHE B 34 -5.41 16.52 1.54
C PHE B 34 -5.54 15.01 1.39
N THR B 35 -6.78 14.51 1.38
CA THR B 35 -6.99 13.09 1.17
C THR B 35 -6.53 12.65 -0.21
N LEU B 36 -6.97 13.36 -1.26
CA LEU B 36 -6.70 12.91 -2.61
C LEU B 36 -5.27 13.24 -3.06
N HIS B 37 -4.66 14.28 -2.51
CA HIS B 37 -3.25 14.56 -2.77
C HIS B 37 -2.39 13.37 -2.34
N GLU B 38 -2.60 12.88 -1.12
CA GLU B 38 -1.86 11.72 -0.65
C GLU B 38 -2.25 10.48 -1.43
N LYS B 39 -3.54 10.33 -1.75
CA LYS B 39 -4.01 9.19 -2.53
C LYS B 39 -3.31 9.10 -3.89
N MET B 40 -3.02 10.24 -4.52
CA MET B 40 -2.34 10.22 -5.81
C MET B 40 -0.91 9.71 -5.66
N ASP B 41 -0.24 10.02 -4.55
CA ASP B 41 1.08 9.46 -4.28
C ASP B 41 1.04 7.93 -4.23
N ASP B 42 0.02 7.37 -3.58
CA ASP B 42 -0.12 5.92 -3.53
C ASP B 42 -0.31 5.34 -4.92
N LEU B 43 -1.19 5.96 -5.72
CA LEU B 43 -1.41 5.50 -7.08
C LEU B 43 -0.15 5.66 -7.93
N TYR B 44 0.57 6.77 -7.76
CA TYR B 44 1.81 6.95 -8.49
C TYR B 44 2.79 5.82 -8.20
N SER B 45 2.93 5.44 -6.93
CA SER B 45 3.86 4.37 -6.56
C SER B 45 3.41 3.03 -7.13
N GLU B 46 2.13 2.71 -6.98
CA GLU B 46 1.64 1.40 -7.41
C GLU B 46 1.78 1.22 -8.92
N PHE B 47 1.34 2.20 -9.70
CA PHE B 47 1.38 2.05 -11.14
C PHE B 47 2.78 2.26 -11.69
N GLY B 48 3.60 3.06 -11.02
CA GLY B 48 5.02 3.06 -11.34
C GLY B 48 5.66 1.70 -11.14
N GLU B 49 5.20 0.96 -10.12
CA GLU B 49 5.69 -0.39 -9.87
C GLU B 49 5.14 -1.37 -10.90
N GLN B 50 3.86 -1.21 -11.28
CA GLN B 50 3.32 -2.01 -12.37
C GLN B 50 4.15 -1.84 -13.63
N MET B 51 4.53 -0.60 -13.94
CA MET B 51 5.28 -0.32 -15.16
C MET B 51 6.62 -1.05 -15.17
N ASP B 52 7.35 -0.98 -14.05
CA ASP B 52 8.63 -1.68 -13.97
C ASP B 52 8.45 -3.19 -14.10
N GLU B 53 7.40 -3.73 -13.46
CA GLU B 53 7.15 -5.17 -13.55
C GLU B 53 6.81 -5.59 -14.97
N VAL B 54 6.00 -4.80 -15.67
CA VAL B 54 5.66 -5.12 -17.05
C VAL B 54 6.92 -5.10 -17.93
N ALA B 55 7.71 -4.03 -17.80
CA ALA B 55 8.93 -3.91 -18.59
C ALA B 55 9.87 -5.08 -18.34
N GLU B 56 10.04 -5.47 -17.08
CA GLU B 56 10.96 -6.55 -16.76
C GLU B 56 10.40 -7.92 -17.12
N ARG B 57 9.08 -8.07 -17.15
CA ARG B 57 8.50 -9.28 -17.71
C ARG B 57 8.72 -9.35 -19.21
N LEU B 58 8.55 -8.22 -19.89
CA LEU B 58 8.90 -8.13 -21.30
C LEU B 58 10.36 -8.51 -21.54
N LEU B 59 11.26 -8.01 -20.69
CA LEU B 59 12.67 -8.37 -20.80
C LEU B 59 12.86 -9.88 -20.63
N ALA B 60 12.13 -10.48 -19.69
CA ALA B 60 12.32 -11.90 -19.39
C ALA B 60 11.87 -12.82 -20.51
N ILE B 61 11.03 -12.35 -21.43
CA ILE B 61 10.57 -13.17 -22.54
C ILE B 61 11.26 -12.82 -23.86
N GLY B 62 12.29 -11.96 -23.81
CA GLY B 62 13.06 -11.66 -25.00
C GLY B 62 12.74 -10.32 -25.65
N GLY B 63 11.88 -9.51 -25.05
CA GLY B 63 11.47 -8.26 -25.66
C GLY B 63 12.42 -7.11 -25.35
N SER B 64 12.07 -5.94 -25.90
CA SER B 64 12.85 -4.73 -25.71
C SER B 64 11.90 -3.57 -25.42
N PRO B 65 11.81 -3.12 -24.17
CA PRO B 65 10.81 -2.11 -23.82
C PRO B 65 11.18 -0.74 -24.36
N PHE B 66 10.14 0.03 -24.71
CA PHE B 66 10.31 1.44 -25.00
C PHE B 66 10.94 2.13 -23.79
N SER B 67 11.86 3.05 -24.05
CA SER B 67 12.64 3.64 -22.95
C SER B 67 12.92 5.12 -23.18
N THR B 68 12.04 5.81 -23.90
CA THR B 68 12.14 7.24 -24.11
C THR B 68 10.74 7.83 -24.12
N LEU B 69 10.65 9.11 -23.75
CA LEU B 69 9.36 9.79 -23.82
C LEU B 69 8.83 9.82 -25.25
N LYS B 70 9.73 9.97 -26.22
CA LYS B 70 9.35 9.88 -27.63
C LYS B 70 8.61 8.58 -27.92
N GLU B 71 9.21 7.45 -27.58
CA GLU B 71 8.58 6.16 -27.84
C GLU B 71 7.27 5.99 -27.07
N PHE B 72 7.18 6.54 -25.86
CA PHE B 72 5.95 6.41 -25.09
C PHE B 72 4.81 7.17 -25.76
N LEU B 73 5.07 8.41 -26.16
CA LEU B 73 4.04 9.22 -26.81
C LEU B 73 3.57 8.57 -28.10
N GLU B 74 4.50 7.99 -28.87
CA GLU B 74 4.17 7.39 -30.16
C GLU B 74 3.31 6.14 -30.02
N ASN B 75 3.36 5.45 -28.87
CA ASN B 75 2.74 4.15 -28.74
C ASN B 75 1.57 4.09 -27.77
N ALA B 76 1.36 5.13 -26.97
CA ALA B 76 0.37 5.06 -25.90
C ALA B 76 -1.03 5.33 -26.44
N SER B 77 -1.99 4.48 -26.04
CA SER B 77 -3.40 4.76 -26.26
C SER B 77 -3.98 5.63 -25.16
N VAL B 78 -3.29 5.76 -24.02
CA VAL B 78 -3.70 6.67 -22.96
C VAL B 78 -3.42 8.10 -23.39
N GLU B 79 -4.38 8.99 -23.14
CA GLU B 79 -4.30 10.36 -23.62
C GLU B 79 -3.96 11.32 -22.48
N GLU B 80 -3.17 12.33 -22.81
CA GLU B 80 -2.78 13.37 -21.85
C GLU B 80 -3.11 14.73 -22.44
N ALA B 81 -3.40 15.68 -21.56
CA ALA B 81 -3.70 17.03 -21.99
C ALA B 81 -3.03 18.00 -21.03
N PRO B 82 -2.35 19.03 -21.54
CA PRO B 82 -1.79 20.05 -20.66
C PRO B 82 -2.88 20.72 -19.85
N TYR B 83 -2.48 21.31 -18.72
CA TYR B 83 -3.41 21.92 -17.77
C TYR B 83 -3.40 23.43 -18.01
N THR B 84 -4.42 23.91 -18.72
CA THR B 84 -4.53 25.32 -19.06
C THR B 84 -5.76 25.96 -18.44
N LYS B 85 -6.93 25.35 -18.58
CA LYS B 85 -8.12 25.87 -17.93
C LYS B 85 -8.37 25.13 -16.62
N PRO B 86 -8.76 25.84 -15.57
CA PRO B 86 -8.99 25.19 -14.27
C PRO B 86 -10.04 24.11 -14.37
N LYS B 87 -9.85 23.04 -13.58
CA LYS B 87 -10.73 21.89 -13.55
C LYS B 87 -11.12 21.60 -12.10
N THR B 88 -12.26 20.96 -11.93
CA THR B 88 -12.74 20.62 -10.60
C THR B 88 -12.19 19.27 -10.16
N MET B 89 -12.28 19.01 -8.86
CA MET B 89 -11.88 17.72 -8.33
C MET B 89 -12.63 16.58 -9.00
N ASP B 90 -13.94 16.73 -9.21
CA ASP B 90 -14.71 15.68 -9.87
C ASP B 90 -14.24 15.46 -11.30
N GLN B 91 -13.94 16.54 -12.02
CA GLN B 91 -13.50 16.40 -13.41
C GLN B 91 -12.14 15.72 -13.48
N LEU B 92 -11.23 16.06 -12.56
CA LEU B 92 -9.95 15.37 -12.48
C LEU B 92 -10.13 13.89 -12.16
N MET B 93 -11.02 13.58 -11.20
CA MET B 93 -11.26 12.18 -10.88
C MET B 93 -11.94 11.45 -12.02
N GLU B 94 -12.81 12.13 -12.77
CA GLU B 94 -13.44 11.51 -13.91
C GLU B 94 -12.41 11.21 -15.01
N ASP B 95 -11.42 12.09 -15.18
CA ASP B 95 -10.32 11.79 -16.08
C ASP B 95 -9.54 10.57 -15.58
N LEU B 96 -9.32 10.49 -14.27
CA LEU B 96 -8.61 9.36 -13.70
C LEU B 96 -9.40 8.06 -13.88
N VAL B 97 -10.70 8.11 -13.60
CA VAL B 97 -11.54 6.90 -13.74
C VAL B 97 -11.56 6.43 -15.19
N GLY B 98 -11.65 7.36 -16.14
CA GLY B 98 -11.63 6.99 -17.55
C GLY B 98 -10.39 6.23 -17.93
N THR B 99 -9.22 6.72 -17.49
CA THR B 99 -7.97 6.03 -17.79
C THR B 99 -7.90 4.67 -17.11
N LEU B 100 -8.41 4.57 -15.88
CA LEU B 100 -8.45 3.27 -15.21
C LEU B 100 -9.30 2.29 -15.99
N GLU B 101 -10.47 2.72 -16.45
CA GLU B 101 -11.32 1.87 -17.27
C GLU B 101 -10.63 1.47 -18.57
N LEU B 102 -9.91 2.42 -19.18
CA LEU B 102 -9.12 2.09 -20.38
C LEU B 102 -8.13 0.98 -20.10
N LEU B 103 -7.32 1.13 -19.05
CA LEU B 103 -6.32 0.11 -18.72
C LEU B 103 -6.97 -1.23 -18.41
N ARG B 104 -8.09 -1.21 -17.68
CA ARG B 104 -8.81 -2.46 -17.40
C ARG B 104 -9.17 -3.19 -18.68
N ASP B 105 -9.83 -2.50 -19.62
CA ASP B 105 -10.29 -3.14 -20.83
C ASP B 105 -9.12 -3.63 -21.68
N GLU B 106 -8.05 -2.83 -21.75
CA GLU B 106 -6.87 -3.27 -22.50
C GLU B 106 -6.19 -4.45 -21.81
N TYR B 107 -6.19 -4.47 -20.47
CA TYR B 107 -5.63 -5.61 -19.76
C TYR B 107 -6.46 -6.86 -19.99
N LYS B 108 -7.79 -6.72 -20.01
CA LYS B 108 -8.65 -7.86 -20.36
C LYS B 108 -8.29 -8.43 -21.71
N GLN B 109 -8.01 -7.55 -22.68
CA GLN B 109 -7.57 -8.01 -23.99
C GLN B 109 -6.25 -8.77 -23.88
N GLY B 110 -5.28 -8.21 -23.14
CA GLY B 110 -4.02 -8.90 -22.94
C GLY B 110 -4.18 -10.23 -22.24
N ILE B 111 -5.14 -10.34 -21.31
CA ILE B 111 -5.36 -11.58 -20.59
C ILE B 111 -5.83 -12.67 -21.55
N GLU B 112 -6.77 -12.34 -22.43
CA GLU B 112 -7.21 -13.29 -23.44
C GLU B 112 -6.09 -13.56 -24.44
N LEU B 113 -5.35 -12.52 -24.84
CA LEU B 113 -4.22 -12.69 -25.75
C LEU B 113 -3.19 -13.66 -25.18
N THR B 114 -2.90 -13.54 -23.87
CA THR B 114 -1.85 -14.38 -23.28
C THR B 114 -2.32 -15.79 -23.02
N ASP B 115 -3.61 -15.98 -22.71
CA ASP B 115 -4.17 -17.33 -22.65
C ASP B 115 -4.01 -18.04 -23.99
N LYS B 116 -4.24 -17.32 -25.08
CA LYS B 116 -4.12 -17.90 -26.42
C LYS B 116 -2.68 -18.30 -26.71
N GLU B 117 -1.74 -17.39 -26.49
CA GLU B 117 -0.32 -17.68 -26.76
C GLU B 117 0.31 -18.60 -25.73
N GLY B 118 -0.42 -19.00 -24.69
CA GLY B 118 0.12 -19.93 -23.70
C GLY B 118 1.18 -19.34 -22.78
N ASP B 119 1.17 -18.02 -22.58
CA ASP B 119 2.11 -17.37 -21.66
C ASP B 119 1.43 -17.28 -20.29
N ASP B 120 1.64 -18.31 -19.47
CA ASP B 120 0.91 -18.42 -18.22
C ASP B 120 1.37 -17.38 -17.20
N VAL B 121 2.67 -17.09 -17.15
CA VAL B 121 3.18 -16.11 -16.19
C VAL B 121 2.63 -14.72 -16.50
N THR B 122 2.77 -14.27 -17.75
CA THR B 122 2.27 -12.95 -18.11
C THR B 122 0.77 -12.86 -17.93
N ASN B 123 0.06 -13.96 -18.22
CA ASN B 123 -1.38 -14.02 -17.97
C ASN B 123 -1.69 -13.72 -16.51
N ASP B 124 -1.00 -14.39 -15.59
CA ASP B 124 -1.26 -14.20 -14.17
C ASP B 124 -0.89 -12.79 -13.72
N MET B 125 0.22 -12.25 -14.24
CA MET B 125 0.62 -10.90 -13.87
C MET B 125 -0.45 -9.89 -14.22
N LEU B 126 -1.02 -9.99 -15.43
CA LEU B 126 -2.03 -9.01 -15.84
C LEU B 126 -3.32 -9.16 -15.04
N ILE B 127 -3.67 -10.40 -14.66
CA ILE B 127 -4.87 -10.61 -13.85
C ILE B 127 -4.74 -9.89 -12.51
N ALA B 128 -3.59 -10.03 -11.85
CA ALA B 128 -3.37 -9.36 -10.57
C ALA B 128 -3.46 -7.85 -10.69
N PHE B 129 -2.88 -7.28 -11.75
CA PHE B 129 -3.00 -5.84 -11.97
C PHE B 129 -4.47 -5.45 -12.15
N LYS B 130 -5.23 -6.27 -12.88
CA LYS B 130 -6.63 -5.95 -13.13
C LYS B 130 -7.44 -5.98 -11.84
N ALA B 131 -7.12 -6.92 -10.93
CA ALA B 131 -7.78 -6.95 -9.63
C ALA B 131 -7.67 -5.61 -8.92
N SER B 132 -6.47 -5.04 -8.89
CA SER B 132 -6.26 -3.75 -8.24
C SER B 132 -6.99 -2.64 -8.99
N ILE B 133 -6.94 -2.67 -10.32
CA ILE B 133 -7.64 -1.65 -11.11
C ILE B 133 -9.14 -1.70 -10.86
N ASP B 134 -9.71 -2.92 -10.81
CA ASP B 134 -11.14 -3.04 -10.55
C ASP B 134 -11.51 -2.45 -9.20
N LYS B 135 -10.66 -2.66 -8.19
CA LYS B 135 -10.91 -2.10 -6.87
C LYS B 135 -10.85 -0.57 -6.89
N HIS B 136 -9.84 0.00 -7.55
CA HIS B 136 -9.75 1.45 -7.67
C HIS B 136 -10.96 2.01 -8.42
N ILE B 137 -11.43 1.29 -9.45
CA ILE B 137 -12.59 1.75 -10.20
C ILE B 137 -13.82 1.84 -9.29
N TRP B 138 -14.07 0.80 -8.50
CA TRP B 138 -15.17 0.87 -7.54
C TRP B 138 -15.02 2.05 -6.60
N MET B 139 -13.82 2.24 -6.03
CA MET B 139 -13.64 3.25 -4.99
C MET B 139 -13.79 4.67 -5.54
N PHE B 140 -13.20 4.95 -6.70
CA PHE B 140 -13.27 6.30 -7.24
C PHE B 140 -14.65 6.62 -7.81
N LYS B 141 -15.33 5.63 -8.36
CA LYS B 141 -16.72 5.84 -8.76
C LYS B 141 -17.60 6.08 -7.55
N ALA B 142 -17.41 5.30 -6.48
CA ALA B 142 -18.12 5.58 -5.24
C ALA B 142 -17.85 7.00 -4.76
N PHE B 143 -16.61 7.46 -4.92
CA PHE B 143 -16.29 8.84 -4.60
C PHE B 143 -17.13 9.79 -5.43
N LEU B 144 -17.35 9.46 -6.70
CA LEU B 144 -18.14 10.28 -7.61
C LEU B 144 -19.64 10.09 -7.43
N GLY B 145 -20.08 9.23 -6.51
CA GLY B 145 -21.49 8.97 -6.30
C GLY B 145 -22.11 7.91 -7.18
N LYS B 146 -21.31 7.21 -7.97
CA LYS B 146 -21.80 6.26 -8.97
C LYS B 146 -21.49 4.83 -8.58
N ALA B 147 -22.15 3.90 -9.28
CA ALA B 147 -21.88 2.49 -9.17
C ALA B 147 -20.66 2.14 -10.02
N PRO B 148 -19.99 1.01 -9.73
CA PRO B 148 -18.73 0.73 -10.44
C PRO B 148 -18.87 0.67 -11.96
N LEU B 149 -19.92 0.03 -12.47
CA LEU B 149 -20.10 -0.14 -13.90
C LEU B 149 -21.05 0.88 -14.51
N GLU B 150 -21.39 1.94 -13.78
CA GLU B 150 -22.29 2.98 -14.30
C GLU B 150 -21.58 3.85 -15.32
N ASP C 2 18.02 43.25 16.42
CA ASP C 2 19.08 42.29 16.11
C ASP C 2 18.56 40.86 16.16
N THR C 3 19.47 39.90 15.91
CA THR C 3 19.06 38.50 15.80
C THR C 3 18.40 38.00 17.07
N LYS C 4 19.00 38.30 18.22
CA LYS C 4 18.42 37.90 19.51
C LYS C 4 16.99 38.38 19.63
N GLU C 5 16.74 39.65 19.30
CA GLU C 5 15.39 40.20 19.40
C GLU C 5 14.43 39.52 18.43
N PHE C 6 14.90 39.20 17.22
CA PHE C 6 14.03 38.56 16.25
C PHE C 6 13.66 37.15 16.69
N LEU C 7 14.66 36.35 17.09
CA LEU C 7 14.40 34.98 17.50
C LEU C 7 13.46 34.92 18.70
N ASN C 8 13.67 35.79 19.70
CA ASN C 8 12.79 35.80 20.86
C ASN C 8 11.38 36.20 20.46
N HIS C 9 11.25 37.10 19.49
CA HIS C 9 9.95 37.48 18.96
C HIS C 9 9.22 36.27 18.39
N GLN C 10 9.95 35.40 17.69
CA GLN C 10 9.32 34.22 17.09
C GLN C 10 8.98 33.18 18.15
N VAL C 11 9.76 33.08 19.22
CA VAL C 11 9.38 32.21 20.34
C VAL C 11 7.98 32.58 20.82
N ALA C 12 7.70 33.88 20.95
CA ALA C 12 6.36 34.31 21.34
C ALA C 12 5.35 33.99 20.25
N ASN C 13 5.69 34.27 18.99
CA ASN C 13 4.78 33.99 17.88
C ASN C 13 4.40 32.51 17.81
N LEU C 14 5.39 31.62 17.87
CA LEU C 14 5.12 30.20 17.68
C LEU C 14 4.32 29.63 18.84
N ASN C 15 4.54 30.12 20.06
CA ASN C 15 3.73 29.65 21.18
C ASN C 15 2.27 30.05 21.02
N VAL C 16 2.02 31.25 20.48
CA VAL C 16 0.64 31.64 20.19
C VAL C 16 0.11 30.80 19.03
N PHE C 17 0.96 30.49 18.05
CA PHE C 17 0.52 29.71 16.90
C PHE C 17 0.11 28.30 17.29
N THR C 18 0.92 27.63 18.11
CA THR C 18 0.60 26.24 18.45
C THR C 18 -0.69 26.16 19.23
N VAL C 19 -0.97 27.15 20.10
CA VAL C 19 -2.25 27.16 20.80
C VAL C 19 -3.38 27.40 19.81
N LYS C 20 -3.15 28.24 18.79
CA LYS C 20 -4.17 28.41 17.76
C LYS C 20 -4.40 27.11 16.98
N ILE C 21 -3.33 26.37 16.70
CA ILE C 21 -3.46 25.07 16.05
C ILE C 21 -4.33 24.15 16.88
N HIS C 22 -4.13 24.15 18.20
CA HIS C 22 -4.99 23.34 19.07
C HIS C 22 -6.43 23.82 18.99
N GLN C 23 -6.63 25.15 18.94
CA GLN C 23 -7.97 25.71 18.82
C GLN C 23 -8.70 25.13 17.60
N ILE C 24 -8.05 25.17 16.45
CA ILE C 24 -8.63 24.58 15.24
C ILE C 24 -8.85 23.09 15.41
N HIS C 25 -7.86 22.40 15.99
CA HIS C 25 -7.93 20.97 16.24
C HIS C 25 -9.17 20.60 17.05
N TRP C 26 -9.51 21.41 18.05
CA TRP C 26 -10.57 21.07 18.99
C TRP C 26 -11.96 21.40 18.44
N TYR C 27 -12.12 22.57 17.83
CA TYR C 27 -13.43 23.13 17.52
C TYR C 27 -13.93 22.82 16.12
N MET C 28 -13.08 22.31 15.23
CA MET C 28 -13.49 22.12 13.84
C MET C 28 -14.67 21.15 13.73
N ARG C 29 -15.54 21.42 12.75
CA ARG C 29 -16.62 20.51 12.41
C ARG C 29 -16.79 20.50 10.90
N GLY C 30 -17.45 19.46 10.39
CA GLY C 30 -17.71 19.34 8.98
C GLY C 30 -17.14 18.05 8.39
N HIS C 31 -17.43 17.88 7.10
CA HIS C 31 -17.08 16.66 6.37
C HIS C 31 -15.59 16.39 6.36
N ASN C 32 -14.76 17.41 6.54
CA ASN C 32 -13.31 17.25 6.53
C ASN C 32 -12.74 17.08 7.94
N PHE C 33 -13.59 16.79 8.93
CA PHE C 33 -13.13 16.76 10.31
C PHE C 33 -11.98 15.78 10.50
N PHE C 34 -12.17 14.54 10.06
CA PHE C 34 -11.19 13.49 10.40
C PHE C 34 -9.84 13.79 9.77
N THR C 35 -9.83 14.23 8.50
CA THR C 35 -8.58 14.55 7.84
C THR C 35 -7.88 15.73 8.50
N LEU C 36 -8.61 16.83 8.71
CA LEU C 36 -7.96 18.04 9.21
C LEU C 36 -7.72 17.97 10.72
N HIS C 37 -8.53 17.21 11.45
CA HIS C 37 -8.23 16.97 12.86
C HIS C 37 -6.85 16.34 13.01
N GLU C 38 -6.58 15.29 12.23
CA GLU C 38 -5.27 14.64 12.27
C GLU C 38 -4.19 15.58 11.74
N LYS C 39 -4.50 16.32 10.68
CA LYS C 39 -3.54 17.26 10.11
C LYS C 39 -3.07 18.28 11.14
N MET C 40 -3.97 18.74 12.02
CA MET C 40 -3.57 19.73 13.01
C MET C 40 -2.56 19.15 14.00
N ASP C 41 -2.71 17.88 14.36
CA ASP C 41 -1.70 17.21 15.19
C ASP C 41 -0.33 17.26 14.53
N ASP C 42 -0.29 17.05 13.21
CA ASP C 42 0.97 17.11 12.49
C ASP C 42 1.57 18.52 12.59
N LEU C 43 0.74 19.54 12.34
CA LEU C 43 1.21 20.92 12.41
C LEU C 43 1.66 21.29 13.82
N TYR C 44 0.90 20.85 14.84
CA TYR C 44 1.30 21.12 16.22
C TYR C 44 2.69 20.58 16.50
N SER C 45 2.98 19.36 16.04
CA SER C 45 4.31 18.78 16.26
C SER C 45 5.37 19.56 15.51
N GLU C 46 5.11 19.88 14.25
CA GLU C 46 6.13 20.54 13.44
C GLU C 46 6.48 21.91 13.99
N PHE C 47 5.45 22.72 14.28
CA PHE C 47 5.72 24.08 14.74
C PHE C 47 6.11 24.12 16.21
N GLY C 48 5.63 23.17 17.02
CA GLY C 48 6.22 22.98 18.33
C GLY C 48 7.69 22.65 18.25
N GLU C 49 8.11 21.92 17.21
CA GLU C 49 9.52 21.62 17.04
C GLU C 49 10.30 22.83 16.51
N GLN C 50 9.69 23.61 15.59
CA GLN C 50 10.31 24.88 15.19
C GLN C 50 10.53 25.79 16.39
N MET C 51 9.55 25.84 17.28
CA MET C 51 9.65 26.70 18.47
C MET C 51 10.83 26.28 19.34
N ASP C 52 10.96 24.98 19.60
CA ASP C 52 12.09 24.50 20.39
C ASP C 52 13.42 24.81 19.72
N GLU C 53 13.50 24.62 18.40
CA GLU C 53 14.74 24.92 17.70
C GLU C 53 15.09 26.40 17.77
N VAL C 54 14.08 27.28 17.61
CA VAL C 54 14.32 28.71 17.66
C VAL C 54 14.82 29.12 19.05
N ALA C 55 14.12 28.66 20.10
CA ALA C 55 14.53 28.99 21.47
C ALA C 55 15.95 28.53 21.75
N GLU C 56 16.29 27.31 21.34
CA GLU C 56 17.61 26.78 21.65
C GLU C 56 18.70 27.39 20.76
N ARG C 57 18.34 27.86 19.56
CA ARG C 57 19.31 28.62 18.79
C ARG C 57 19.58 29.96 19.45
N LEU C 58 18.54 30.61 19.96
CA LEU C 58 18.71 31.83 20.75
C LEU C 58 19.63 31.59 21.95
N LEU C 59 19.41 30.48 22.66
CA LEU C 59 20.29 30.12 23.76
C LEU C 59 21.73 29.96 23.28
N ALA C 60 21.91 29.34 22.12
CA ALA C 60 23.24 29.02 21.61
C ALA C 60 24.04 30.26 21.23
N ILE C 61 23.37 31.38 20.97
CA ILE C 61 24.05 32.63 20.60
C ILE C 61 24.07 33.63 21.75
N GLY C 62 23.70 33.21 22.96
CA GLY C 62 23.81 34.06 24.13
C GLY C 62 22.52 34.70 24.60
N GLY C 63 21.38 34.40 23.98
CA GLY C 63 20.12 35.02 24.33
C GLY C 63 19.39 34.30 25.46
N SER C 64 18.22 34.84 25.80
CA SER C 64 17.37 34.30 26.86
C SER C 64 15.93 34.26 26.39
N PRO C 65 15.40 33.08 26.08
CA PRO C 65 14.06 33.02 25.48
C PRO C 65 12.95 33.32 26.47
N PHE C 66 11.91 33.97 25.97
CA PHE C 66 10.66 34.11 26.73
C PHE C 66 10.14 32.74 27.12
N SER C 67 9.64 32.63 28.35
CA SER C 67 9.30 31.32 28.88
C SER C 67 8.04 31.36 29.74
N THR C 68 7.15 32.30 29.50
CA THR C 68 5.89 32.40 30.21
C THR C 68 4.82 32.88 29.25
N LEU C 69 3.56 32.50 29.52
CA LEU C 69 2.46 32.97 28.70
C LEU C 69 2.38 34.49 28.74
N LYS C 70 2.70 35.08 29.90
CA LYS C 70 2.79 36.53 30.03
C LYS C 70 3.69 37.13 28.95
N GLU C 71 4.93 36.65 28.88
CA GLU C 71 5.89 37.19 27.92
C GLU C 71 5.46 36.93 26.49
N PHE C 72 4.79 35.80 26.22
CA PHE C 72 4.39 35.52 24.84
C PHE C 72 3.37 36.54 24.36
N LEU C 73 2.33 36.80 25.17
CA LEU C 73 1.29 37.74 24.77
C LEU C 73 1.84 39.16 24.56
N GLU C 74 2.75 39.59 25.43
CA GLU C 74 3.27 40.96 25.34
C GLU C 74 4.12 41.18 24.09
N ASN C 75 4.71 40.14 23.51
CA ASN C 75 5.67 40.32 22.44
C ASN C 75 5.22 39.76 21.10
N ALA C 76 4.13 38.98 21.05
CA ALA C 76 3.76 38.28 19.84
C ALA C 76 2.98 39.20 18.91
N SER C 77 3.37 39.22 17.63
CA SER C 77 2.57 39.85 16.59
C SER C 77 1.47 38.93 16.06
N VAL C 78 1.54 37.63 16.36
CA VAL C 78 0.47 36.72 15.99
C VAL C 78 -0.74 36.98 16.88
N GLU C 79 -1.93 36.96 16.27
CA GLU C 79 -3.17 37.36 16.93
C GLU C 79 -3.99 36.13 17.27
N GLU C 80 -4.66 36.18 18.43
CA GLU C 80 -5.54 35.10 18.88
C GLU C 80 -6.89 35.68 19.27
N ALA C 81 -7.94 34.87 19.16
CA ALA C 81 -9.27 35.27 19.55
C ALA C 81 -9.95 34.09 20.23
N PRO C 82 -10.60 34.29 21.38
CA PRO C 82 -11.37 33.21 22.00
C PRO C 82 -12.50 32.73 21.10
N TYR C 83 -12.95 31.50 21.36
CA TYR C 83 -13.95 30.86 20.52
C TYR C 83 -15.33 30.98 21.16
N LYS C 87 -17.20 28.11 14.44
CA LYS C 87 -16.69 28.37 13.10
C LYS C 87 -16.78 27.26 12.10
N THR C 88 -16.78 27.65 10.83
CA THR C 88 -16.77 26.71 9.73
C THR C 88 -15.33 26.34 9.43
N MET C 89 -15.16 25.23 8.70
CA MET C 89 -13.82 24.79 8.33
C MET C 89 -13.05 25.86 7.55
N ASP C 90 -13.74 26.53 6.62
CA ASP C 90 -13.08 27.56 5.81
C ASP C 90 -12.58 28.72 6.67
N GLN C 91 -13.36 29.11 7.68
CA GLN C 91 -12.96 30.23 8.52
C GLN C 91 -11.73 29.88 9.35
N LEU C 92 -11.68 28.66 9.88
CA LEU C 92 -10.50 28.20 10.61
C LEU C 92 -9.27 28.12 9.72
N MET C 93 -9.43 27.58 8.51
CA MET C 93 -8.28 27.42 7.62
C MET C 93 -7.76 28.79 7.14
N GLU C 94 -8.66 29.74 6.92
CA GLU C 94 -8.21 31.07 6.52
C GLU C 94 -7.50 31.78 7.67
N ASP C 95 -7.94 31.56 8.90
CA ASP C 95 -7.17 32.03 10.05
C ASP C 95 -5.79 31.39 10.09
N LEU C 96 -5.71 30.10 9.78
CA LEU C 96 -4.43 29.40 9.78
C LEU C 96 -3.52 29.93 8.67
N VAL C 97 -4.05 30.06 7.45
CA VAL C 97 -3.25 30.55 6.33
C VAL C 97 -2.74 31.95 6.61
N GLY C 98 -3.58 32.81 7.20
CA GLY C 98 -3.15 34.16 7.54
C GLY C 98 -1.94 34.17 8.45
N THR C 99 -1.98 33.33 9.50
CA THR C 99 -0.84 33.26 10.42
C THR C 99 0.40 32.68 9.73
N LEU C 100 0.21 31.71 8.84
CA LEU C 100 1.34 31.17 8.08
C LEU C 100 1.96 32.26 7.20
N GLU C 101 1.12 33.05 6.53
CA GLU C 101 1.62 34.16 5.72
C GLU C 101 2.35 35.18 6.59
N LEU C 102 1.79 35.48 7.77
CA LEU C 102 2.46 36.36 8.72
C LEU C 102 3.84 35.82 9.08
N LEU C 103 3.90 34.56 9.52
CA LEU C 103 5.18 33.97 9.90
C LEU C 103 6.15 33.95 8.73
N ARG C 104 5.66 33.64 7.53
CA ARG C 104 6.51 33.65 6.35
C ARG C 104 7.17 35.01 6.16
N ASP C 105 6.36 36.07 6.14
CA ASP C 105 6.90 37.40 5.87
C ASP C 105 7.84 37.86 6.98
N GLU C 106 7.50 37.54 8.23
CA GLU C 106 8.40 37.89 9.34
C GLU C 106 9.69 37.09 9.27
N TYR C 107 9.61 35.83 8.82
CA TYR C 107 10.84 35.05 8.65
C TYR C 107 11.71 35.63 7.56
N LYS C 108 11.11 36.09 6.46
CA LYS C 108 11.86 36.78 5.42
C LYS C 108 12.66 37.95 5.99
N GLN C 109 12.07 38.70 6.92
CA GLN C 109 12.80 39.79 7.57
C GLN C 109 13.99 39.23 8.34
N GLY C 110 13.78 38.18 9.14
CA GLY C 110 14.88 37.57 9.87
C GLY C 110 15.98 37.02 8.98
N ILE C 111 15.62 36.51 7.80
CA ILE C 111 16.64 35.94 6.91
C ILE C 111 17.59 37.02 6.42
N GLU C 112 17.05 38.14 5.95
CA GLU C 112 17.89 39.27 5.55
C GLU C 112 18.57 39.90 6.76
N LEU C 113 17.85 40.01 7.87
CA LEU C 113 18.44 40.54 9.11
C LEU C 113 19.67 39.73 9.52
N THR C 114 19.59 38.40 9.41
CA THR C 114 20.71 37.55 9.83
C THR C 114 21.83 37.49 8.80
N ASP C 115 21.49 37.58 7.50
CA ASP C 115 22.51 37.68 6.47
C ASP C 115 23.41 38.88 6.72
N LYS C 116 22.84 39.99 7.16
CA LYS C 116 23.61 41.20 7.46
C LYS C 116 24.61 40.95 8.57
N GLU C 117 24.13 40.42 9.69
CA GLU C 117 24.94 40.22 10.88
C GLU C 117 25.93 39.07 10.74
N GLY C 118 25.90 38.36 9.62
CA GLY C 118 26.82 37.25 9.41
C GLY C 118 26.50 36.03 10.25
N ASP C 119 25.26 35.86 10.68
CA ASP C 119 24.83 34.67 11.41
C ASP C 119 24.29 33.68 10.40
N ASP C 120 25.19 32.87 9.84
CA ASP C 120 24.82 31.98 8.76
C ASP C 120 23.94 30.84 9.26
N VAL C 121 24.21 30.35 10.47
CA VAL C 121 23.43 29.24 11.01
C VAL C 121 21.98 29.66 11.21
N THR C 122 21.75 30.77 11.91
CA THR C 122 20.39 31.25 12.11
C THR C 122 19.72 31.58 10.78
N ASN C 123 20.49 32.15 9.84
CA ASN C 123 20.00 32.37 8.49
C ASN C 123 19.51 31.08 7.86
N ASP C 124 20.36 30.04 7.89
CA ASP C 124 20.01 28.77 7.28
C ASP C 124 18.82 28.13 7.96
N MET C 125 18.75 28.23 9.30
CA MET C 125 17.62 27.69 10.04
C MET C 125 16.31 28.31 9.58
N LEU C 126 16.29 29.63 9.42
CA LEU C 126 15.04 30.32 9.04
C LEU C 126 14.63 29.97 7.62
N ILE C 127 15.60 29.80 6.72
CA ILE C 127 15.28 29.43 5.34
C ILE C 127 14.57 28.07 5.30
N ALA C 128 15.12 27.09 6.01
CA ALA C 128 14.50 25.76 6.04
C ALA C 128 13.08 25.81 6.59
N PHE C 129 12.86 26.60 7.65
CA PHE C 129 11.51 26.77 8.18
C PHE C 129 10.60 27.42 7.14
N LYS C 130 11.10 28.42 6.42
CA LYS C 130 10.26 29.11 5.43
C LYS C 130 9.86 28.17 4.30
N ALA C 131 10.78 27.30 3.89
CA ALA C 131 10.47 26.30 2.88
C ALA C 131 9.22 25.49 3.26
N SER C 132 9.15 25.05 4.52
CA SER C 132 7.98 24.29 4.96
C SER C 132 6.74 25.17 4.99
N ILE C 133 6.87 26.40 5.47
CA ILE C 133 5.73 27.31 5.56
C ILE C 133 5.17 27.59 4.16
N ASP C 134 6.05 27.82 3.19
CA ASP C 134 5.57 28.05 1.82
C ASP C 134 4.81 26.86 1.28
N LYS C 135 5.28 25.64 1.59
CA LYS C 135 4.57 24.45 1.13
C LYS C 135 3.19 24.36 1.77
N HIS C 136 3.10 24.59 3.09
CA HIS C 136 1.80 24.58 3.76
C HIS C 136 0.88 25.65 3.18
N ILE C 137 1.43 26.83 2.86
CA ILE C 137 0.62 27.89 2.31
C ILE C 137 -0.02 27.43 0.99
N TRP C 138 0.77 26.82 0.12
CA TRP C 138 0.21 26.28 -1.13
C TRP C 138 -0.91 25.27 -0.85
N MET C 139 -0.65 24.30 0.03
CA MET C 139 -1.60 23.21 0.21
C MET C 139 -2.91 23.70 0.83
N PHE C 140 -2.82 24.57 1.83
CA PHE C 140 -4.03 25.04 2.49
C PHE C 140 -4.81 26.03 1.64
N LYS C 141 -4.11 26.83 0.82
CA LYS C 141 -4.81 27.67 -0.15
C LYS C 141 -5.53 26.81 -1.18
N ALA C 142 -4.86 25.77 -1.68
CA ALA C 142 -5.51 24.84 -2.59
C ALA C 142 -6.75 24.21 -1.96
N PHE C 143 -6.70 23.89 -0.67
CA PHE C 143 -7.87 23.38 0.03
C PHE C 143 -9.01 24.38 -0.02
N LEU C 144 -8.69 25.67 0.10
CA LEU C 144 -9.66 26.75 0.06
C LEU C 144 -10.08 27.12 -1.35
N GLY C 145 -9.54 26.45 -2.37
CA GLY C 145 -9.87 26.75 -3.74
C GLY C 145 -9.06 27.86 -4.36
N LYS C 146 -8.04 28.37 -3.66
CA LYS C 146 -7.29 29.53 -4.10
C LYS C 146 -5.88 29.16 -4.53
N ALA C 147 -5.24 30.09 -5.22
CA ALA C 147 -3.85 29.98 -5.62
C ALA C 147 -2.95 30.35 -4.45
N PRO C 148 -1.70 29.90 -4.45
CA PRO C 148 -0.83 30.13 -3.27
C PRO C 148 -0.68 31.59 -2.88
N LEU C 149 -0.46 32.49 -3.85
CA LEU C 149 -0.24 33.89 -3.55
C LEU C 149 -1.52 34.72 -3.71
N GLU C 150 -2.67 34.06 -3.80
CA GLU C 150 -3.96 34.73 -3.91
C GLU C 150 -4.72 34.69 -2.59
N VAL D 1 -31.77 -8.20 35.82
CA VAL D 1 -30.57 -8.29 34.99
C VAL D 1 -29.33 -8.30 35.88
N ASP D 2 -28.48 -9.30 35.68
CA ASP D 2 -27.22 -9.39 36.41
C ASP D 2 -26.04 -9.17 35.45
N THR D 3 -24.84 -9.19 36.00
CA THR D 3 -23.65 -8.88 35.21
C THR D 3 -23.47 -9.84 34.05
N LYS D 4 -23.61 -11.15 34.30
CA LYS D 4 -23.38 -12.15 33.26
C LYS D 4 -24.24 -11.88 32.02
N GLU D 5 -25.54 -11.67 32.23
CA GLU D 5 -26.48 -11.44 31.12
C GLU D 5 -26.22 -10.10 30.43
N PHE D 6 -25.84 -9.08 31.19
CA PHE D 6 -25.54 -7.80 30.57
C PHE D 6 -24.38 -7.95 29.60
N LEU D 7 -23.31 -8.62 30.05
CA LEU D 7 -22.17 -8.85 29.17
C LEU D 7 -22.57 -9.65 27.95
N ASN D 8 -23.39 -10.70 28.14
CA ASN D 8 -23.83 -11.49 27.01
C ASN D 8 -24.71 -10.67 26.07
N HIS D 9 -25.54 -9.79 26.62
CA HIS D 9 -26.34 -8.89 25.80
C HIS D 9 -25.45 -8.02 24.91
N GLN D 10 -24.34 -7.53 25.47
CA GLN D 10 -23.44 -6.68 24.68
C GLN D 10 -22.66 -7.51 23.66
N VAL D 11 -22.34 -8.77 23.99
CA VAL D 11 -21.77 -9.67 22.99
C VAL D 11 -22.66 -9.71 21.76
N ALA D 12 -23.98 -9.82 21.97
CA ALA D 12 -24.90 -9.81 20.84
C ALA D 12 -24.92 -8.46 20.15
N ASN D 13 -25.00 -7.37 20.94
CA ASN D 13 -25.03 -6.03 20.37
C ASN D 13 -23.80 -5.77 19.51
N LEU D 14 -22.62 -6.09 20.02
CA LEU D 14 -21.39 -5.76 19.32
C LEU D 14 -21.25 -6.56 18.03
N ASN D 15 -21.73 -7.79 18.01
CA ASN D 15 -21.69 -8.58 16.77
C ASN D 15 -22.61 -7.99 15.71
N VAL D 16 -23.76 -7.44 16.11
CA VAL D 16 -24.63 -6.76 15.17
C VAL D 16 -24.00 -5.44 14.73
N PHE D 17 -23.33 -4.74 15.65
CA PHE D 17 -22.73 -3.45 15.34
C PHE D 17 -21.61 -3.60 14.29
N THR D 18 -20.72 -4.58 14.47
CA THR D 18 -19.60 -4.73 13.55
C THR D 18 -20.08 -5.06 12.14
N VAL D 19 -21.15 -5.85 12.03
CA VAL D 19 -21.73 -6.12 10.72
C VAL D 19 -22.35 -4.86 10.13
N LYS D 20 -22.95 -4.02 10.98
CA LYS D 20 -23.45 -2.73 10.51
C LYS D 20 -22.31 -1.85 10.04
N ILE D 21 -21.18 -1.89 10.75
CA ILE D 21 -19.99 -1.15 10.33
C ILE D 21 -19.53 -1.60 8.95
N HIS D 22 -19.54 -2.92 8.71
CA HIS D 22 -19.19 -3.43 7.38
C HIS D 22 -20.19 -2.94 6.33
N GLN D 23 -21.47 -2.90 6.67
CA GLN D 23 -22.49 -2.38 5.77
C GLN D 23 -22.17 -0.97 5.32
N ILE D 24 -21.90 -0.07 6.28
CA ILE D 24 -21.51 1.28 5.93
C ILE D 24 -20.21 1.27 5.14
N HIS D 25 -19.26 0.44 5.58
CA HIS D 25 -17.98 0.29 4.91
C HIS D 25 -18.15 -0.04 3.42
N TRP D 26 -19.12 -0.89 3.10
CA TRP D 26 -19.27 -1.40 1.74
C TRP D 26 -20.09 -0.45 0.87
N TYR D 27 -21.20 0.09 1.38
CA TYR D 27 -22.18 0.75 0.54
C TYR D 27 -22.00 2.26 0.45
N MET D 28 -21.12 2.85 1.26
CA MET D 28 -20.98 4.30 1.29
C MET D 28 -20.54 4.85 -0.07
N ARG D 29 -21.08 6.02 -0.41
CA ARG D 29 -20.70 6.77 -1.61
C ARG D 29 -20.67 8.25 -1.27
N GLY D 30 -19.98 9.02 -2.11
CA GLY D 30 -19.86 10.45 -1.93
C GLY D 30 -18.41 10.89 -1.81
N HIS D 31 -18.24 12.21 -1.73
CA HIS D 31 -16.91 12.83 -1.73
C HIS D 31 -16.05 12.39 -0.55
N ASN D 32 -16.67 11.93 0.54
CA ASN D 32 -15.93 11.54 1.74
C ASN D 32 -15.65 10.05 1.80
N PHE D 33 -15.75 9.35 0.66
CA PHE D 33 -15.64 7.90 0.66
C PHE D 33 -14.32 7.43 1.27
N PHE D 34 -13.20 7.96 0.78
CA PHE D 34 -11.90 7.40 1.15
C PHE D 34 -11.61 7.54 2.63
N THR D 35 -11.92 8.69 3.23
CA THR D 35 -11.68 8.87 4.66
C THR D 35 -12.57 7.94 5.48
N LEU D 36 -13.87 7.91 5.19
CA LEU D 36 -14.77 7.14 6.04
C LEU D 36 -14.71 5.65 5.76
N HIS D 37 -14.33 5.25 4.54
CA HIS D 37 -14.08 3.83 4.27
C HIS D 37 -12.98 3.30 5.19
N GLU D 38 -11.87 4.02 5.28
CA GLU D 38 -10.79 3.62 6.17
C GLU D 38 -11.21 3.75 7.64
N LYS D 39 -11.93 4.82 7.98
CA LYS D 39 -12.39 4.99 9.36
C LYS D 39 -13.24 3.82 9.82
N MET D 40 -14.06 3.25 8.92
CA MET D 40 -14.86 2.10 9.28
C MET D 40 -14.00 0.89 9.56
N ASP D 41 -12.89 0.73 8.81
CA ASP D 41 -11.94 -0.34 9.11
C ASP D 41 -11.42 -0.26 10.54
N ASP D 42 -11.11 0.95 11.01
CA ASP D 42 -10.65 1.11 12.38
C ASP D 42 -11.74 0.74 13.38
N LEU D 43 -12.97 1.24 13.17
CA LEU D 43 -14.06 0.93 14.09
C LEU D 43 -14.37 -0.55 14.15
N TYR D 44 -14.37 -1.21 13.00
CA TYR D 44 -14.61 -2.66 12.95
C TYR D 44 -13.61 -3.40 13.83
N SER D 45 -12.33 -3.04 13.75
CA SER D 45 -11.31 -3.72 14.54
C SER D 45 -11.48 -3.45 16.02
N GLU D 46 -11.66 -2.18 16.39
CA GLU D 46 -11.74 -1.81 17.80
C GLU D 46 -12.91 -2.49 18.47
N PHE D 47 -14.08 -2.48 17.81
CA PHE D 47 -15.26 -3.07 18.42
C PHE D 47 -15.25 -4.59 18.34
N GLY D 48 -14.57 -5.16 17.34
CA GLY D 48 -14.30 -6.58 17.38
C GLY D 48 -13.49 -6.99 18.60
N GLU D 49 -12.56 -6.14 19.04
CA GLU D 49 -11.80 -6.42 20.25
C GLU D 49 -12.61 -6.21 21.51
N GLN D 50 -13.46 -5.18 21.54
CA GLN D 50 -14.38 -5.06 22.67
C GLN D 50 -15.22 -6.30 22.82
N MET D 51 -15.73 -6.83 21.71
CA MET D 51 -16.59 -8.00 21.75
C MET D 51 -15.85 -9.21 22.31
N ASP D 52 -14.63 -9.47 21.81
CA ASP D 52 -13.83 -10.57 22.34
C ASP D 52 -13.49 -10.39 23.81
N GLU D 53 -13.15 -9.16 24.20
CA GLU D 53 -12.82 -8.91 25.61
C GLU D 53 -14.03 -9.12 26.51
N VAL D 54 -15.20 -8.63 26.08
CA VAL D 54 -16.42 -8.81 26.88
C VAL D 54 -16.75 -10.29 27.02
N ALA D 55 -16.70 -11.03 25.91
CA ALA D 55 -16.96 -12.47 25.95
C ALA D 55 -16.02 -13.19 26.89
N GLU D 56 -14.73 -12.82 26.87
CA GLU D 56 -13.73 -13.48 27.70
C GLU D 56 -13.81 -13.03 29.16
N ARG D 57 -14.27 -11.81 29.41
CA ARG D 57 -14.57 -11.42 30.78
C ARG D 57 -15.78 -12.20 31.30
N LEU D 58 -16.79 -12.38 30.46
CA LEU D 58 -17.93 -13.23 30.81
C LEU D 58 -17.48 -14.65 31.14
N LEU D 59 -16.59 -15.22 30.32
CA LEU D 59 -16.05 -16.54 30.62
C LEU D 59 -15.34 -16.56 31.97
N ALA D 60 -14.59 -15.49 32.27
CA ALA D 60 -13.76 -15.46 33.47
C ALA D 60 -14.59 -15.43 34.75
N ILE D 61 -15.86 -15.00 34.68
CA ILE D 61 -16.70 -14.94 35.87
C ILE D 61 -17.71 -16.08 35.90
N GLY D 62 -17.55 -17.08 35.04
CA GLY D 62 -18.40 -18.27 35.08
C GLY D 62 -19.50 -18.31 34.05
N GLY D 63 -19.57 -17.32 33.15
CA GLY D 63 -20.64 -17.25 32.19
C GLY D 63 -20.36 -18.06 30.94
N SER D 64 -21.33 -18.04 30.04
CA SER D 64 -21.26 -18.76 28.76
C SER D 64 -21.70 -17.82 27.65
N PRO D 65 -20.79 -17.31 26.83
CA PRO D 65 -21.19 -16.32 25.83
C PRO D 65 -21.97 -16.93 24.68
N PHE D 66 -22.92 -16.15 24.17
CA PHE D 66 -23.56 -16.51 22.91
C PHE D 66 -22.50 -16.68 21.83
N SER D 67 -22.69 -17.69 20.97
CA SER D 67 -21.64 -18.03 20.02
C SER D 67 -22.20 -18.45 18.67
N THR D 68 -23.39 -17.95 18.34
CA THR D 68 -24.03 -18.20 17.06
C THR D 68 -24.76 -16.94 16.63
N LEU D 69 -24.92 -16.78 15.31
CA LEU D 69 -25.69 -15.65 14.79
C LEU D 69 -27.14 -15.70 15.26
N LYS D 70 -27.71 -16.91 15.33
CA LYS D 70 -29.07 -17.08 15.83
C LYS D 70 -29.23 -16.45 17.21
N GLU D 71 -28.34 -16.80 18.15
CA GLU D 71 -28.41 -16.24 19.48
C GLU D 71 -28.20 -14.73 19.48
N PHE D 72 -27.38 -14.21 18.56
CA PHE D 72 -27.16 -12.76 18.51
C PHE D 72 -28.43 -12.02 18.12
N LEU D 73 -29.12 -12.50 17.09
CA LEU D 73 -30.35 -11.84 16.64
C LEU D 73 -31.41 -11.80 17.73
N GLU D 74 -31.59 -12.91 18.45
CA GLU D 74 -32.63 -12.98 19.48
C GLU D 74 -32.36 -12.08 20.66
N ASN D 75 -31.10 -11.72 20.93
CA ASN D 75 -30.77 -11.04 22.17
C ASN D 75 -30.31 -9.61 22.00
N ALA D 76 -30.04 -9.17 20.78
CA ALA D 76 -29.45 -7.84 20.56
C ALA D 76 -30.52 -6.77 20.57
N SER D 77 -30.28 -5.69 21.31
CA SER D 77 -31.12 -4.50 21.21
C SER D 77 -30.72 -3.59 20.05
N VAL D 78 -29.52 -3.78 19.49
CA VAL D 78 -29.12 -3.05 18.31
C VAL D 78 -29.88 -3.61 17.11
N GLU D 79 -30.41 -2.71 16.27
CA GLU D 79 -31.24 -3.10 15.15
C GLU D 79 -30.48 -2.92 13.84
N GLU D 80 -30.73 -3.82 12.90
CA GLU D 80 -30.11 -3.82 11.59
C GLU D 80 -31.18 -3.86 10.52
N ALA D 81 -30.87 -3.29 9.35
CA ALA D 81 -31.79 -3.31 8.24
C ALA D 81 -30.98 -3.60 6.99
N PRO D 82 -31.45 -4.51 6.13
CA PRO D 82 -30.77 -4.74 4.86
C PRO D 82 -30.71 -3.46 4.04
N TYR D 83 -29.78 -3.43 3.09
CA TYR D 83 -29.55 -2.24 2.29
C TYR D 83 -30.30 -2.39 0.97
N THR D 84 -31.40 -1.65 0.83
CA THR D 84 -32.20 -1.64 -0.38
C THR D 84 -32.30 -0.25 -0.99
N LYS D 85 -32.78 0.73 -0.23
CA LYS D 85 -32.92 2.09 -0.73
C LYS D 85 -31.62 2.85 -0.53
N PRO D 86 -30.97 3.34 -1.60
CA PRO D 86 -29.67 3.99 -1.46
C PRO D 86 -29.66 5.14 -0.46
N LYS D 87 -28.77 5.06 0.51
CA LYS D 87 -28.69 6.02 1.60
C LYS D 87 -27.49 6.94 1.37
N THR D 88 -27.57 8.14 1.95
CA THR D 88 -26.48 9.09 1.81
C THR D 88 -25.45 8.86 2.90
N MET D 89 -24.27 9.45 2.71
CA MET D 89 -23.23 9.37 3.72
C MET D 89 -23.74 9.89 5.07
N ASP D 90 -24.52 10.97 5.04
CA ASP D 90 -25.06 11.53 6.28
C ASP D 90 -25.98 10.53 6.98
N GLN D 91 -26.84 9.85 6.20
CA GLN D 91 -27.77 8.91 6.80
C GLN D 91 -27.06 7.69 7.38
N LEU D 92 -26.05 7.17 6.67
CA LEU D 92 -25.26 6.07 7.20
C LEU D 92 -24.56 6.48 8.49
N MET D 93 -23.97 7.68 8.51
CA MET D 93 -23.32 8.15 9.73
C MET D 93 -24.33 8.42 10.84
N GLU D 94 -25.52 8.89 10.50
CA GLU D 94 -26.54 9.11 11.51
C GLU D 94 -27.03 7.80 12.11
N ASP D 95 -27.11 6.75 11.28
CA ASP D 95 -27.39 5.43 11.80
C ASP D 95 -26.27 4.95 12.72
N LEU D 96 -25.02 5.21 12.32
CA LEU D 96 -23.88 4.80 13.13
C LEU D 96 -23.86 5.53 14.46
N VAL D 97 -24.05 6.85 14.44
CA VAL D 97 -24.06 7.63 15.67
C VAL D 97 -25.18 7.17 16.59
N GLY D 98 -26.35 6.84 16.01
CA GLY D 98 -27.45 6.32 16.81
C GLY D 98 -27.07 5.07 17.58
N THR D 99 -26.43 4.12 16.90
CA THR D 99 -26.03 2.89 17.57
C THR D 99 -24.97 3.16 18.63
N LEU D 100 -24.05 4.10 18.37
CA LEU D 100 -23.07 4.47 19.38
C LEU D 100 -23.74 5.08 20.59
N GLU D 101 -24.72 5.96 20.38
CA GLU D 101 -25.48 6.53 21.49
C GLU D 101 -26.22 5.44 22.25
N LEU D 102 -26.78 4.46 21.53
CA LEU D 102 -27.42 3.31 22.16
C LEU D 102 -26.43 2.58 23.08
N LEU D 103 -25.27 2.19 22.53
CA LEU D 103 -24.29 1.44 23.31
C LEU D 103 -23.81 2.23 24.52
N ARG D 104 -23.60 3.54 24.36
CA ARG D 104 -23.21 4.37 25.48
C ARG D 104 -24.21 4.25 26.63
N ASP D 105 -25.50 4.46 26.32
CA ASP D 105 -26.53 4.43 27.35
C ASP D 105 -26.67 3.05 27.98
N GLU D 106 -26.55 1.99 27.16
CA GLU D 106 -26.62 0.65 27.74
C GLU D 106 -25.41 0.35 28.61
N TYR D 107 -24.23 0.81 28.20
CA TYR D 107 -23.04 0.65 29.03
C TYR D 107 -23.17 1.48 30.31
N LYS D 108 -23.78 2.66 30.20
CA LYS D 108 -24.10 3.48 31.36
C LYS D 108 -24.86 2.67 32.40
N GLN D 109 -25.85 1.87 31.94
CA GLN D 109 -26.59 0.98 32.84
C GLN D 109 -25.68 -0.11 33.41
N GLY D 110 -24.90 -0.77 32.55
CA GLY D 110 -24.01 -1.83 33.02
C GLY D 110 -23.01 -1.35 34.06
N ILE D 111 -22.55 -0.12 33.93
CA ILE D 111 -21.59 0.42 34.90
C ILE D 111 -22.23 0.52 36.27
N GLU D 112 -23.46 1.03 36.35
CA GLU D 112 -24.17 1.10 37.62
C GLU D 112 -24.51 -0.30 38.13
N LEU D 113 -24.95 -1.19 37.23
CA LEU D 113 -25.25 -2.57 37.62
C LEU D 113 -24.04 -3.26 38.25
N THR D 114 -22.85 -3.06 37.68
CA THR D 114 -21.66 -3.74 38.18
C THR D 114 -21.12 -3.09 39.44
N ASP D 115 -21.21 -1.76 39.55
CA ASP D 115 -20.89 -1.10 40.81
C ASP D 115 -21.76 -1.60 41.94
N LYS D 116 -23.05 -1.82 41.68
CA LYS D 116 -23.94 -2.35 42.71
C LYS D 116 -23.54 -3.75 43.13
N GLU D 117 -23.32 -4.64 42.17
CA GLU D 117 -22.99 -6.03 42.44
C GLU D 117 -21.55 -6.22 42.94
N GLY D 118 -20.75 -5.16 43.00
CA GLY D 118 -19.39 -5.29 43.47
C GLY D 118 -18.43 -5.97 42.52
N ASP D 119 -18.70 -5.95 41.21
CA ASP D 119 -17.78 -6.51 40.21
C ASP D 119 -16.89 -5.38 39.70
N ASP D 120 -15.75 -5.20 40.37
CA ASP D 120 -14.89 -4.06 40.09
C ASP D 120 -14.20 -4.18 38.74
N VAL D 121 -13.79 -5.39 38.37
CA VAL D 121 -13.10 -5.58 37.09
C VAL D 121 -14.04 -5.26 35.93
N THR D 122 -15.22 -5.88 35.91
CA THR D 122 -16.17 -5.64 34.83
C THR D 122 -16.60 -4.18 34.78
N ASN D 123 -16.76 -3.55 35.94
CA ASN D 123 -17.07 -2.13 36.01
C ASN D 123 -16.01 -1.29 35.30
N ASP D 124 -14.74 -1.51 35.64
CA ASP D 124 -13.66 -0.72 35.06
C ASP D 124 -13.54 -0.96 33.56
N MET D 125 -13.72 -2.22 33.14
CA MET D 125 -13.70 -2.54 31.72
C MET D 125 -14.76 -1.75 30.95
N LEU D 126 -15.97 -1.66 31.50
CA LEU D 126 -17.05 -0.98 30.80
C LEU D 126 -16.80 0.52 30.71
N ILE D 127 -16.21 1.09 31.75
CA ILE D 127 -15.87 2.52 31.75
C ILE D 127 -14.87 2.82 30.65
N ALA D 128 -13.82 1.99 30.55
CA ALA D 128 -12.81 2.19 29.51
C ALA D 128 -13.43 2.13 28.12
N PHE D 129 -14.32 1.17 27.87
CA PHE D 129 -15.03 1.10 26.59
C PHE D 129 -15.89 2.34 26.36
N LYS D 130 -16.57 2.81 27.41
CA LYS D 130 -17.45 3.97 27.25
C LYS D 130 -16.64 5.22 26.92
N ALA D 131 -15.45 5.36 27.51
CA ALA D 131 -14.55 6.44 27.18
C ALA D 131 -14.32 6.52 25.67
N SER D 132 -14.07 5.37 25.05
CA SER D 132 -13.85 5.35 23.61
C SER D 132 -15.14 5.67 22.86
N ILE D 133 -16.27 5.13 23.32
CA ILE D 133 -17.55 5.39 22.68
C ILE D 133 -17.89 6.88 22.72
N ASP D 134 -17.66 7.54 23.86
CA ASP D 134 -17.91 8.97 23.97
C ASP D 134 -17.06 9.78 23.00
N LYS D 135 -15.79 9.38 22.83
CA LYS D 135 -14.93 10.08 21.89
C LYS D 135 -15.42 9.90 20.45
N HIS D 136 -15.80 8.69 20.06
CA HIS D 136 -16.33 8.46 18.72
C HIS D 136 -17.62 9.26 18.49
N ILE D 137 -18.49 9.34 19.51
CA ILE D 137 -19.73 10.09 19.36
C ILE D 137 -19.42 11.55 19.06
N TRP D 138 -18.51 12.14 19.83
CA TRP D 138 -18.10 13.53 19.57
C TRP D 138 -17.56 13.68 18.16
N MET D 139 -16.66 12.78 17.74
CA MET D 139 -15.99 12.95 16.46
C MET D 139 -16.95 12.80 15.28
N PHE D 140 -17.85 11.81 15.34
CA PHE D 140 -18.74 11.60 14.21
C PHE D 140 -19.83 12.67 14.14
N LYS D 141 -20.25 13.20 15.29
CA LYS D 141 -21.17 14.32 15.29
C LYS D 141 -20.52 15.56 14.69
N ALA D 142 -19.27 15.84 15.08
CA ALA D 142 -18.52 16.93 14.46
C ALA D 142 -18.42 16.75 12.95
N PHE D 143 -18.23 15.51 12.48
CA PHE D 143 -18.25 15.24 11.05
C PHE D 143 -19.59 15.61 10.44
N LEU D 144 -20.68 15.34 11.17
CA LEU D 144 -22.03 15.64 10.70
C LEU D 144 -22.39 17.10 10.92
N GLY D 145 -21.51 17.90 11.51
CA GLY D 145 -21.80 19.29 11.79
C GLY D 145 -22.50 19.53 13.10
N LYS D 146 -22.65 18.50 13.93
CA LYS D 146 -23.45 18.56 15.15
C LYS D 146 -22.55 18.57 16.38
N ALA D 147 -23.14 18.96 17.50
CA ALA D 147 -22.49 18.87 18.79
C ALA D 147 -22.63 17.45 19.34
N PRO D 148 -21.76 17.06 20.28
CA PRO D 148 -21.79 15.66 20.76
C PRO D 148 -23.13 15.24 21.35
N LEU D 149 -23.76 16.07 22.16
CA LEU D 149 -24.99 15.71 22.86
C LEU D 149 -26.24 16.21 22.14
N GLU D 150 -26.12 16.62 20.88
CA GLU D 150 -27.27 17.08 20.10
C GLU D 150 -28.16 15.89 19.74
N VAL E 1 15.76 35.05 -17.99
CA VAL E 1 15.08 33.88 -17.42
C VAL E 1 14.91 34.05 -15.91
N ASP E 2 13.72 33.75 -15.40
CA ASP E 2 13.40 33.95 -14.00
C ASP E 2 13.31 32.60 -13.27
N THR E 3 13.02 32.66 -11.98
CA THR E 3 13.02 31.47 -11.14
C THR E 3 12.00 30.45 -11.63
N LYS E 4 10.77 30.91 -11.92
CA LYS E 4 9.72 29.99 -12.38
C LYS E 4 10.14 29.24 -13.64
N GLU E 5 10.69 29.94 -14.63
CA GLU E 5 11.08 29.28 -15.87
C GLU E 5 12.19 28.26 -15.63
N PHE E 6 13.14 28.58 -14.74
CA PHE E 6 14.22 27.63 -14.47
C PHE E 6 13.69 26.36 -13.83
N LEU E 7 12.87 26.50 -12.78
CA LEU E 7 12.35 25.31 -12.09
C LEU E 7 11.54 24.45 -13.05
N ASN E 8 10.69 25.07 -13.86
CA ASN E 8 9.89 24.31 -14.81
C ASN E 8 10.77 23.61 -15.83
N HIS E 9 11.86 24.25 -16.24
CA HIS E 9 12.82 23.61 -17.14
C HIS E 9 13.39 22.35 -16.51
N GLN E 10 13.68 22.38 -15.20
CA GLN E 10 14.23 21.20 -14.55
C GLN E 10 13.17 20.12 -14.37
N VAL E 11 11.91 20.49 -14.20
CA VAL E 11 10.84 19.49 -14.19
C VAL E 11 10.88 18.65 -15.46
N ALA E 12 11.07 19.30 -16.62
CA ALA E 12 11.19 18.54 -17.85
C ALA E 12 12.46 17.71 -17.87
N ASN E 13 13.60 18.32 -17.46
CA ASN E 13 14.86 17.59 -17.44
C ASN E 13 14.76 16.33 -16.58
N LEU E 14 14.20 16.46 -15.37
CA LEU E 14 14.20 15.34 -14.43
C LEU E 14 13.31 14.20 -14.90
N ASN E 15 12.20 14.52 -15.56
CA ASN E 15 11.35 13.45 -16.11
C ASN E 15 12.06 12.71 -17.23
N VAL E 16 12.84 13.41 -18.04
CA VAL E 16 13.63 12.75 -19.07
C VAL E 16 14.73 11.92 -18.41
N PHE E 17 15.31 12.45 -17.34
CA PHE E 17 16.40 11.74 -16.66
C PHE E 17 15.91 10.43 -16.05
N THR E 18 14.77 10.47 -15.35
CA THR E 18 14.30 9.26 -14.68
C THR E 18 13.97 8.16 -15.68
N VAL E 19 13.44 8.53 -16.85
CA VAL E 19 13.20 7.54 -17.90
C VAL E 19 14.52 7.01 -18.44
N LYS E 20 15.53 7.87 -18.57
CA LYS E 20 16.85 7.41 -18.98
C LYS E 20 17.44 6.47 -17.95
N ILE E 21 17.22 6.77 -16.66
CA ILE E 21 17.66 5.86 -15.60
C ILE E 21 17.00 4.50 -15.79
N HIS E 22 15.70 4.48 -16.12
CA HIS E 22 15.01 3.22 -16.39
C HIS E 22 15.62 2.49 -17.58
N GLN E 23 15.97 3.23 -18.64
CA GLN E 23 16.59 2.60 -19.81
C GLN E 23 17.84 1.83 -19.41
N ILE E 24 18.74 2.49 -18.67
CA ILE E 24 19.95 1.84 -18.18
C ILE E 24 19.59 0.70 -17.24
N HIS E 25 18.62 0.94 -16.36
CA HIS E 25 18.14 -0.07 -15.42
C HIS E 25 17.71 -1.34 -16.16
N TRP E 26 17.02 -1.17 -17.29
CA TRP E 26 16.41 -2.30 -17.99
C TRP E 26 17.42 -3.03 -18.89
N TYR E 27 18.22 -2.28 -19.65
CA TYR E 27 18.99 -2.87 -20.73
C TYR E 27 20.42 -3.25 -20.35
N MET E 28 20.90 -2.84 -19.18
CA MET E 28 22.30 -3.05 -18.83
C MET E 28 22.66 -4.53 -18.83
N ARG E 29 23.90 -4.82 -19.25
CA ARG E 29 24.47 -6.15 -19.19
C ARG E 29 25.93 -6.04 -18.78
N GLY E 30 26.47 -7.14 -18.27
CA GLY E 30 27.85 -7.20 -17.82
C GLY E 30 27.98 -7.64 -16.38
N HIS E 31 29.24 -7.83 -15.98
CA HIS E 31 29.56 -8.40 -14.67
C HIS E 31 29.06 -7.54 -13.51
N ASN E 32 28.84 -6.25 -13.71
CA ASN E 32 28.39 -5.37 -12.64
C ASN E 32 26.87 -5.23 -12.60
N PHE E 33 26.15 -6.13 -13.25
CA PHE E 33 24.71 -5.99 -13.42
C PHE E 33 24.00 -5.84 -12.08
N PHE E 34 24.23 -6.76 -11.15
CA PHE E 34 23.43 -6.80 -9.93
C PHE E 34 23.62 -5.54 -9.10
N THR E 35 24.86 -5.07 -8.97
CA THR E 35 25.13 -3.86 -8.22
C THR E 35 24.50 -2.64 -8.89
N LEU E 36 24.71 -2.48 -10.20
CA LEU E 36 24.25 -1.27 -10.88
C LEU E 36 22.76 -1.31 -11.21
N HIS E 37 22.18 -2.50 -11.38
CA HIS E 37 20.74 -2.59 -11.52
C HIS E 37 20.04 -2.01 -10.29
N GLU E 38 20.48 -2.44 -9.10
CA GLU E 38 19.91 -1.94 -7.86
C GLU E 38 20.23 -0.46 -7.68
N LYS E 39 21.46 -0.05 -8.03
CA LYS E 39 21.84 1.35 -7.92
C LYS E 39 20.93 2.25 -8.75
N MET E 40 20.50 1.78 -9.92
CA MET E 40 19.60 2.57 -10.76
C MET E 40 18.23 2.73 -10.10
N ASP E 41 17.75 1.71 -9.39
CA ASP E 41 16.53 1.87 -8.61
C ASP E 41 16.67 3.00 -7.60
N ASP E 42 17.83 3.06 -6.92
CA ASP E 42 18.05 4.13 -5.95
C ASP E 42 18.03 5.49 -6.62
N LEU E 43 18.71 5.62 -7.76
CA LEU E 43 18.72 6.90 -8.47
C LEU E 43 17.33 7.29 -8.93
N TYR E 44 16.56 6.32 -9.44
CA TYR E 44 15.21 6.61 -9.91
C TYR E 44 14.37 7.25 -8.80
N SER E 45 14.44 6.67 -7.59
CA SER E 45 13.67 7.21 -6.48
C SER E 45 14.14 8.61 -6.11
N GLU E 46 15.45 8.80 -5.99
CA GLU E 46 15.98 10.08 -5.54
C GLU E 46 15.60 11.21 -6.49
N PHE E 47 15.79 10.99 -7.80
CA PHE E 47 15.52 12.06 -8.75
C PHE E 47 14.05 12.23 -9.05
N GLY E 48 13.26 11.15 -8.95
CA GLY E 48 11.81 11.32 -8.92
C GLY E 48 11.36 12.16 -7.76
N GLU E 49 12.05 12.05 -6.62
CA GLU E 49 11.71 12.88 -5.48
C GLU E 49 12.16 14.33 -5.67
N GLN E 50 13.36 14.53 -6.26
CA GLN E 50 13.76 15.89 -6.64
C GLN E 50 12.73 16.51 -7.56
N MET E 51 12.26 15.73 -8.54
CA MET E 51 11.30 16.25 -9.52
C MET E 51 10.02 16.70 -8.85
N ASP E 52 9.48 15.86 -7.96
CA ASP E 52 8.28 16.25 -7.23
C ASP E 52 8.52 17.48 -6.38
N GLU E 53 9.69 17.55 -5.73
CA GLU E 53 9.99 18.72 -4.91
C GLU E 53 10.09 19.98 -5.76
N VAL E 54 10.76 19.89 -6.92
CA VAL E 54 10.91 21.07 -7.78
C VAL E 54 9.55 21.57 -8.25
N ALA E 55 8.71 20.65 -8.73
CA ALA E 55 7.38 21.03 -9.18
C ALA E 55 6.58 21.67 -8.05
N GLU E 56 6.66 21.12 -6.84
CA GLU E 56 5.88 21.66 -5.74
C GLU E 56 6.46 22.95 -5.20
N ARG E 57 7.78 23.16 -5.34
CA ARG E 57 8.32 24.47 -5.04
C ARG E 57 7.86 25.50 -6.08
N LEU E 58 7.84 25.09 -7.35
CA LEU E 58 7.29 25.95 -8.40
C LEU E 58 5.83 26.32 -8.11
N LEU E 59 5.03 25.34 -7.67
CA LEU E 59 3.66 25.63 -7.28
C LEU E 59 3.62 26.64 -6.14
N ALA E 60 4.53 26.49 -5.17
CA ALA E 60 4.53 27.31 -3.96
C ALA E 60 4.86 28.77 -4.23
N ILE E 61 5.53 29.08 -5.34
CA ILE E 61 5.88 30.45 -5.67
C ILE E 61 4.96 31.03 -6.74
N GLY E 62 3.88 30.34 -7.07
CA GLY E 62 2.88 30.84 -7.99
C GLY E 62 2.94 30.27 -9.39
N GLY E 63 3.85 29.32 -9.65
CA GLY E 63 4.04 28.79 -10.99
C GLY E 63 3.09 27.66 -11.32
N SER E 64 3.24 27.16 -12.55
CA SER E 64 2.42 26.08 -13.07
C SER E 64 3.34 25.06 -13.74
N PRO E 65 3.56 23.90 -13.11
CA PRO E 65 4.53 22.96 -13.67
C PRO E 65 4.01 22.23 -14.89
N PHE E 66 4.92 21.94 -15.82
CA PHE E 66 4.63 21.03 -16.92
C PHE E 66 4.17 19.69 -16.38
N SER E 67 3.15 19.09 -17.02
CA SER E 67 2.55 17.90 -16.44
C SER E 67 2.17 16.88 -17.51
N THR E 68 2.87 16.89 -18.64
CA THR E 68 2.64 15.94 -19.72
C THR E 68 3.98 15.58 -20.37
N LEU E 69 4.03 14.37 -20.93
CA LEU E 69 5.25 13.96 -21.64
C LEU E 69 5.53 14.89 -22.80
N LYS E 70 4.47 15.34 -23.49
CA LYS E 70 4.61 16.32 -24.56
C LYS E 70 5.39 17.54 -24.09
N GLU E 71 4.95 18.15 -23.00
CA GLU E 71 5.64 19.33 -22.48
C GLU E 71 7.06 18.99 -22.03
N PHE E 72 7.29 17.78 -21.51
CA PHE E 72 8.63 17.43 -21.07
C PHE E 72 9.60 17.38 -22.25
N LEU E 73 9.20 16.71 -23.33
CA LEU E 73 10.05 16.63 -24.52
C LEU E 73 10.34 18.00 -25.11
N GLU E 74 9.33 18.87 -25.15
CA GLU E 74 9.47 20.17 -25.79
C GLU E 74 10.45 21.07 -25.06
N ASN E 75 10.65 20.86 -23.76
CA ASN E 75 11.39 21.81 -22.94
C ASN E 75 12.70 21.27 -22.38
N ALA E 76 12.98 19.97 -22.49
CA ALA E 76 14.12 19.40 -21.81
C ALA E 76 15.42 19.64 -22.58
N SER E 77 16.44 20.13 -21.86
CA SER E 77 17.79 20.16 -22.43
C SER E 77 18.49 18.82 -22.26
N VAL E 78 17.96 17.95 -21.41
CA VAL E 78 18.48 16.59 -21.32
C VAL E 78 18.06 15.82 -22.56
N GLU E 79 18.98 15.07 -23.14
CA GLU E 79 18.76 14.41 -24.41
C GLU E 79 18.59 12.90 -24.19
N GLU E 80 17.71 12.30 -24.98
CA GLU E 80 17.41 10.88 -24.91
C GLU E 80 17.56 10.26 -26.30
N ALA E 81 17.89 8.96 -26.31
CA ALA E 81 18.04 8.21 -27.55
C ALA E 81 17.42 6.83 -27.33
N PRO E 82 16.62 6.34 -28.29
CA PRO E 82 16.12 4.96 -28.18
C PRO E 82 17.25 3.96 -28.14
N TYR E 83 16.95 2.78 -27.61
CA TYR E 83 17.94 1.73 -27.42
C TYR E 83 17.84 0.74 -28.56
N THR E 84 18.81 0.78 -29.47
CA THR E 84 18.84 -0.08 -30.64
C THR E 84 19.97 -1.09 -30.57
N LYS E 85 21.22 -0.63 -30.54
CA LYS E 85 22.32 -1.58 -30.49
C LYS E 85 22.73 -1.82 -29.04
N PRO E 86 23.21 -3.02 -28.72
CA PRO E 86 23.67 -3.31 -27.36
C PRO E 86 24.86 -2.43 -26.98
N LYS E 87 24.71 -1.69 -25.89
CA LYS E 87 25.77 -0.86 -25.33
C LYS E 87 26.45 -1.59 -24.18
N THR E 88 27.68 -1.17 -23.88
CA THR E 88 28.39 -1.75 -22.76
C THR E 88 28.01 -1.04 -21.47
N MET E 89 28.33 -1.67 -20.34
CA MET E 89 28.08 -1.05 -19.04
C MET E 89 28.74 0.32 -18.95
N ASP E 90 29.97 0.43 -19.46
CA ASP E 90 30.68 1.71 -19.42
C ASP E 90 29.96 2.79 -20.23
N GLN E 91 29.39 2.43 -21.38
CA GLN E 91 28.71 3.44 -22.21
C GLN E 91 27.47 3.97 -21.52
N LEU E 92 26.70 3.09 -20.87
CA LEU E 92 25.53 3.55 -20.12
C LEU E 92 25.94 4.48 -18.98
N MET E 93 27.02 4.14 -18.27
CA MET E 93 27.48 4.98 -17.17
C MET E 93 28.01 6.31 -17.68
N GLU E 94 28.62 6.33 -18.87
CA GLU E 94 29.09 7.60 -19.43
C GLU E 94 27.93 8.50 -19.82
N ASP E 95 26.85 7.92 -20.33
CA ASP E 95 25.64 8.71 -20.58
C ASP E 95 25.07 9.25 -19.28
N LEU E 96 25.05 8.42 -18.23
CA LEU E 96 24.51 8.86 -16.94
C LEU E 96 25.33 9.99 -16.35
N VAL E 97 26.65 9.84 -16.35
CA VAL E 97 27.53 10.88 -15.83
C VAL E 97 27.38 12.16 -16.65
N GLY E 98 27.24 12.02 -17.97
CA GLY E 98 27.04 13.20 -18.81
C GLY E 98 25.79 13.97 -18.44
N THR E 99 24.68 13.27 -18.23
CA THR E 99 23.44 13.93 -17.83
C THR E 99 23.57 14.54 -16.43
N LEU E 100 24.27 13.86 -15.52
CA LEU E 100 24.50 14.42 -14.19
C LEU E 100 25.30 15.71 -14.28
N GLU E 101 26.36 15.72 -15.10
CA GLU E 101 27.14 16.93 -15.30
C GLU E 101 26.28 18.06 -15.89
N LEU E 102 25.40 17.71 -16.83
CA LEU E 102 24.46 18.69 -17.36
C LEU E 102 23.60 19.28 -16.25
N LEU E 103 22.97 18.42 -15.44
CA LEU E 103 22.13 18.90 -14.35
C LEU E 103 22.94 19.73 -13.35
N ARG E 104 24.15 19.27 -13.04
CA ARG E 104 25.02 20.03 -12.14
C ARG E 104 25.23 21.45 -12.65
N ASP E 105 25.66 21.59 -13.92
CA ASP E 105 25.97 22.90 -14.46
C ASP E 105 24.71 23.77 -14.57
N GLU E 106 23.58 23.18 -14.97
CA GLU E 106 22.35 23.95 -15.04
C GLU E 106 21.88 24.36 -13.65
N TYR E 107 22.06 23.48 -12.65
CA TYR E 107 21.70 23.85 -11.28
C TYR E 107 22.58 24.98 -10.78
N LYS E 108 23.87 24.97 -11.16
CA LYS E 108 24.74 26.11 -10.89
C LYS E 108 24.14 27.41 -11.39
N GLN E 109 23.57 27.40 -12.60
CA GLN E 109 22.91 28.59 -13.13
C GLN E 109 21.72 28.99 -12.25
N GLY E 110 20.87 28.01 -11.91
CA GLY E 110 19.73 28.31 -11.05
C GLY E 110 20.13 28.84 -9.70
N ILE E 111 21.25 28.34 -9.15
CA ILE E 111 21.72 28.82 -7.86
C ILE E 111 22.11 30.29 -7.93
N GLU E 112 22.84 30.67 -8.98
CA GLU E 112 23.18 32.07 -9.15
C GLU E 112 21.94 32.90 -9.45
N LEU E 113 21.06 32.40 -10.32
CA LEU E 113 19.83 33.11 -10.66
C LEU E 113 18.97 33.36 -9.44
N THR E 114 18.83 32.38 -8.56
CA THR E 114 17.94 32.53 -7.42
C THR E 114 18.57 33.39 -6.32
N ASP E 115 19.89 33.32 -6.16
CA ASP E 115 20.57 34.24 -5.26
C ASP E 115 20.33 35.69 -5.67
N LYS E 116 20.38 35.98 -6.96
CA LYS E 116 20.14 37.34 -7.46
C LYS E 116 18.70 37.76 -7.17
N GLU E 117 17.72 36.91 -7.51
CA GLU E 117 16.32 37.23 -7.32
C GLU E 117 15.88 37.23 -5.86
N GLY E 118 16.77 36.83 -4.94
CA GLY E 118 16.42 36.80 -3.54
C GLY E 118 15.47 35.69 -3.15
N ASP E 119 15.43 34.61 -3.93
CA ASP E 119 14.59 33.45 -3.58
C ASP E 119 15.46 32.50 -2.79
N ASP E 120 15.47 32.70 -1.46
CA ASP E 120 16.39 31.97 -0.60
C ASP E 120 16.01 30.50 -0.48
N VAL E 121 14.71 30.21 -0.43
CA VAL E 121 14.28 28.82 -0.30
C VAL E 121 14.70 28.02 -1.53
N THR E 122 14.34 28.52 -2.72
CA THR E 122 14.70 27.80 -3.94
C THR E 122 16.22 27.71 -4.08
N ASN E 123 16.94 28.77 -3.69
CA ASN E 123 18.39 28.71 -3.69
C ASN E 123 18.90 27.55 -2.86
N ASP E 124 18.42 27.45 -1.61
CA ASP E 124 18.89 26.37 -0.73
C ASP E 124 18.47 25.01 -1.26
N MET E 125 17.25 24.91 -1.80
CA MET E 125 16.80 23.65 -2.37
C MET E 125 17.73 23.18 -3.48
N LEU E 126 18.14 24.10 -4.35
CA LEU E 126 18.99 23.71 -5.48
C LEU E 126 20.40 23.34 -5.01
N ILE E 127 20.90 24.02 -3.98
CA ILE E 127 22.21 23.69 -3.42
C ILE E 127 22.22 22.26 -2.89
N ALA E 128 21.18 21.90 -2.13
CA ALA E 128 21.09 20.55 -1.59
C ALA E 128 21.07 19.51 -2.71
N PHE E 129 20.29 19.77 -3.76
CA PHE E 129 20.27 18.85 -4.90
C PHE E 129 21.65 18.75 -5.54
N LYS E 130 22.36 19.88 -5.65
CA LYS E 130 23.68 19.85 -6.29
C LYS E 130 24.67 19.05 -5.45
N ALA E 131 24.59 19.17 -4.11
CA ALA E 131 25.45 18.38 -3.24
C ALA E 131 25.36 16.89 -3.58
N SER E 132 24.14 16.39 -3.77
CA SER E 132 23.95 14.99 -4.11
C SER E 132 24.49 14.66 -5.50
N ILE E 133 24.25 15.53 -6.48
CA ILE E 133 24.72 15.31 -7.84
C ILE E 133 26.23 15.24 -7.88
N ASP E 134 26.90 16.13 -7.15
CA ASP E 134 28.36 16.13 -7.11
C ASP E 134 28.90 14.83 -6.53
N LYS E 135 28.23 14.30 -5.50
CA LYS E 135 28.67 13.03 -4.92
C LYS E 135 28.50 11.89 -5.93
N HIS E 136 27.36 11.85 -6.62
CA HIS E 136 27.16 10.82 -7.63
C HIS E 136 28.21 10.93 -8.75
N ILE E 137 28.54 12.16 -9.15
CA ILE E 137 29.54 12.35 -10.20
C ILE E 137 30.88 11.77 -9.77
N TRP E 138 31.31 12.06 -8.54
CA TRP E 138 32.54 11.49 -8.03
C TRP E 138 32.49 9.96 -8.06
N MET E 139 31.40 9.38 -7.55
CA MET E 139 31.35 7.93 -7.41
C MET E 139 31.31 7.23 -8.76
N PHE E 140 30.51 7.74 -9.69
CA PHE E 140 30.39 7.06 -10.99
C PHE E 140 31.64 7.25 -11.85
N LYS E 141 32.32 8.41 -11.72
CA LYS E 141 33.60 8.57 -12.42
C LYS E 141 34.63 7.60 -11.88
N ALA E 142 34.69 7.42 -10.55
CA ALA E 142 35.59 6.43 -9.96
C ALA E 142 35.30 5.03 -10.50
N PHE E 143 34.02 4.69 -10.71
CA PHE E 143 33.66 3.43 -11.32
C PHE E 143 34.27 3.30 -12.71
N LEU E 144 34.31 4.40 -13.45
CA LEU E 144 34.87 4.42 -14.80
C LEU E 144 36.39 4.51 -14.80
N GLY E 145 37.01 4.59 -13.63
CA GLY E 145 38.45 4.71 -13.53
C GLY E 145 38.98 6.13 -13.62
N LYS E 146 38.11 7.12 -13.67
CA LYS E 146 38.48 8.50 -13.91
C LYS E 146 38.30 9.34 -12.64
N ALA E 147 38.90 10.53 -12.67
CA ALA E 147 38.72 11.50 -11.60
C ALA E 147 37.40 12.25 -11.78
N PRO E 148 36.88 12.86 -10.72
CA PRO E 148 35.55 13.49 -10.82
C PRO E 148 35.42 14.53 -11.91
N LEU E 149 36.41 15.42 -12.07
CA LEU E 149 36.33 16.48 -13.05
C LEU E 149 37.08 16.15 -14.33
N GLU E 150 37.45 14.88 -14.52
CA GLU E 150 38.16 14.45 -15.71
C GLU E 150 37.23 13.69 -16.66
N VAL F 1 2.14 -40.15 -15.72
CA VAL F 1 2.50 -39.25 -14.62
C VAL F 1 1.28 -38.44 -14.19
N ASP F 2 1.34 -37.84 -13.00
CA ASP F 2 0.27 -36.98 -12.52
C ASP F 2 0.86 -35.94 -11.57
N THR F 3 -0.02 -35.12 -10.99
CA THR F 3 0.41 -34.00 -10.17
C THR F 3 1.25 -34.44 -8.98
N LYS F 4 0.79 -35.45 -8.24
CA LYS F 4 1.57 -35.94 -7.10
C LYS F 4 2.98 -36.34 -7.53
N GLU F 5 3.07 -37.11 -8.60
CA GLU F 5 4.37 -37.60 -9.07
C GLU F 5 5.24 -36.43 -9.52
N PHE F 6 4.65 -35.41 -10.13
CA PHE F 6 5.42 -34.25 -10.56
C PHE F 6 5.99 -33.48 -9.37
N LEU F 7 5.14 -33.16 -8.39
CA LEU F 7 5.60 -32.38 -7.24
C LEU F 7 6.72 -33.07 -6.49
N ASN F 8 6.61 -34.38 -6.28
CA ASN F 8 7.68 -35.11 -5.60
C ASN F 8 8.97 -35.06 -6.40
N HIS F 9 8.87 -35.09 -7.73
CA HIS F 9 10.05 -34.95 -8.58
C HIS F 9 10.74 -33.61 -8.34
N GLN F 10 9.96 -32.53 -8.19
CA GLN F 10 10.56 -31.23 -7.94
C GLN F 10 11.12 -31.11 -6.54
N VAL F 11 10.51 -31.79 -5.55
CA VAL F 11 11.10 -31.85 -4.22
C VAL F 11 12.53 -32.37 -4.30
N ALA F 12 12.75 -33.41 -5.10
CA ALA F 12 14.10 -33.93 -5.30
C ALA F 12 14.97 -32.93 -6.05
N ASN F 13 14.43 -32.32 -7.11
CA ASN F 13 15.19 -31.33 -7.87
C ASN F 13 15.64 -30.18 -6.97
N LEU F 14 14.72 -29.64 -6.18
CA LEU F 14 15.04 -28.45 -5.39
C LEU F 14 16.05 -28.75 -4.29
N ASN F 15 16.00 -29.95 -3.71
CA ASN F 15 16.99 -30.31 -2.69
C ASN F 15 18.38 -30.43 -3.29
N VAL F 16 18.49 -30.90 -4.53
CA VAL F 16 19.78 -30.93 -5.20
C VAL F 16 20.21 -29.52 -5.57
N PHE F 17 19.25 -28.66 -5.95
CA PHE F 17 19.56 -27.30 -6.36
C PHE F 17 20.14 -26.48 -5.20
N THR F 18 19.51 -26.57 -4.02
CA THR F 18 19.96 -25.76 -2.89
C THR F 18 21.37 -26.14 -2.46
N VAL F 19 21.70 -27.44 -2.52
CA VAL F 19 23.06 -27.86 -2.22
C VAL F 19 24.02 -27.34 -3.29
N LYS F 20 23.57 -27.30 -4.54
CA LYS F 20 24.39 -26.70 -5.59
C LYS F 20 24.60 -25.21 -5.34
N ILE F 21 23.56 -24.53 -4.87
CA ILE F 21 23.68 -23.12 -4.52
C ILE F 21 24.73 -22.94 -3.43
N HIS F 22 24.74 -23.81 -2.42
CA HIS F 22 25.77 -23.76 -1.40
C HIS F 22 27.15 -24.00 -1.99
N GLN F 23 27.25 -24.95 -2.93
CA GLN F 23 28.52 -25.22 -3.60
C GLN F 23 29.07 -23.96 -4.26
N ILE F 24 28.24 -23.29 -5.06
CA ILE F 24 28.65 -22.04 -5.69
C ILE F 24 28.95 -21.00 -4.64
N HIS F 25 28.08 -20.91 -3.63
CA HIS F 25 28.26 -19.96 -2.52
C HIS F 25 29.62 -20.13 -1.85
N TRP F 26 30.07 -21.38 -1.68
CA TRP F 26 31.29 -21.64 -0.93
C TRP F 26 32.54 -21.45 -1.78
N TYR F 27 32.54 -21.97 -3.01
CA TYR F 27 33.76 -22.09 -3.79
C TYR F 27 34.04 -20.90 -4.72
N MET F 28 33.08 -20.00 -4.90
CA MET F 28 33.25 -18.92 -5.87
C MET F 28 34.45 -18.04 -5.52
N ARG F 29 35.12 -17.54 -6.56
CA ARG F 29 36.22 -16.59 -6.44
C ARG F 29 36.13 -15.60 -7.59
N GLY F 30 36.79 -14.45 -7.43
CA GLY F 30 36.83 -13.42 -8.44
C GLY F 30 36.34 -12.09 -7.93
N HIS F 31 36.43 -11.09 -8.82
CA HIS F 31 36.10 -9.71 -8.47
C HIS F 31 34.66 -9.54 -8.03
N ASN F 32 33.75 -10.41 -8.46
CA ASN F 32 32.34 -10.28 -8.12
C ASN F 32 31.95 -11.09 -6.88
N PHE F 33 32.94 -11.51 -6.09
CA PHE F 33 32.67 -12.41 -4.97
C PHE F 33 31.62 -11.84 -4.02
N PHE F 34 31.81 -10.60 -3.57
CA PHE F 34 30.98 -10.08 -2.49
C PHE F 34 29.52 -9.96 -2.92
N THR F 35 29.27 -9.47 -4.14
CA THR F 35 27.89 -9.38 -4.62
C THR F 35 27.27 -10.76 -4.78
N LEU F 36 27.98 -11.67 -5.44
CA LEU F 36 27.38 -12.97 -5.75
C LEU F 36 27.38 -13.91 -4.55
N HIS F 37 28.30 -13.73 -3.60
CA HIS F 37 28.23 -14.49 -2.37
C HIS F 37 26.91 -14.22 -1.65
N GLU F 38 26.55 -12.94 -1.51
CA GLU F 38 25.27 -12.58 -0.89
C GLU F 38 24.10 -13.04 -1.73
N LYS F 39 24.19 -12.90 -3.05
CA LYS F 39 23.10 -13.29 -3.94
C LYS F 39 22.77 -14.77 -3.77
N MET F 40 23.78 -15.61 -3.58
CA MET F 40 23.54 -17.05 -3.41
C MET F 40 22.78 -17.34 -2.11
N ASP F 41 23.06 -16.58 -1.05
CA ASP F 41 22.26 -16.71 0.17
C ASP F 41 20.79 -16.42 -0.10
N ASP F 42 20.50 -15.39 -0.90
CA ASP F 42 19.12 -15.08 -1.25
C ASP F 42 18.49 -16.22 -2.04
N LEU F 43 19.22 -16.75 -3.03
CA LEU F 43 18.69 -17.85 -3.81
C LEU F 43 18.49 -19.09 -2.96
N TYR F 44 19.43 -19.38 -2.05
CA TYR F 44 19.28 -20.51 -1.16
C TYR F 44 17.97 -20.42 -0.37
N SER F 45 17.69 -19.24 0.17
CA SER F 45 16.47 -19.04 0.96
C SER F 45 15.22 -19.17 0.10
N GLU F 46 15.21 -18.52 -1.07
CA GLU F 46 14.01 -18.52 -1.90
C GLU F 46 13.69 -19.94 -2.38
N PHE F 47 14.68 -20.65 -2.90
CA PHE F 47 14.41 -21.98 -3.43
C PHE F 47 14.25 -23.00 -2.32
N GLY F 48 14.89 -22.78 -1.17
CA GLY F 48 14.52 -23.52 0.02
C GLY F 48 13.06 -23.34 0.38
N GLU F 49 12.52 -22.14 0.14
CA GLU F 49 11.11 -21.88 0.42
C GLU F 49 10.20 -22.55 -0.60
N GLN F 50 10.60 -22.53 -1.88
CA GLN F 50 9.86 -23.26 -2.90
C GLN F 50 9.78 -24.75 -2.55
N MET F 51 10.89 -25.33 -2.09
CA MET F 51 10.89 -26.76 -1.77
C MET F 51 9.90 -27.08 -0.66
N ASP F 52 9.91 -26.29 0.41
CA ASP F 52 8.97 -26.51 1.51
C ASP F 52 7.53 -26.34 1.06
N GLU F 53 7.26 -25.33 0.23
CA GLU F 53 5.90 -25.11 -0.27
C GLU F 53 5.44 -26.25 -1.16
N VAL F 54 6.33 -26.73 -2.04
CA VAL F 54 5.98 -27.84 -2.92
C VAL F 54 5.69 -29.10 -2.11
N ALA F 55 6.57 -29.40 -1.15
CA ALA F 55 6.36 -30.55 -0.29
C ALA F 55 5.05 -30.46 0.49
N GLU F 56 4.75 -29.27 1.02
CA GLU F 56 3.53 -29.13 1.80
C GLU F 56 2.29 -29.08 0.93
N ARG F 57 2.42 -28.61 -0.31
CA ARG F 57 1.31 -28.74 -1.25
C ARG F 57 1.08 -30.19 -1.64
N LEU F 58 2.16 -30.95 -1.83
CA LEU F 58 2.03 -32.39 -2.07
C LEU F 58 1.31 -33.07 -0.92
N LEU F 59 1.66 -32.72 0.32
CA LEU F 59 0.96 -33.25 1.48
C LEU F 59 -0.51 -32.88 1.46
N ALA F 60 -0.82 -31.64 1.05
CA ALA F 60 -2.19 -31.16 1.11
C ALA F 60 -3.13 -31.89 0.15
N ILE F 61 -2.58 -32.52 -0.89
CA ILE F 61 -3.41 -33.26 -1.85
C ILE F 61 -3.33 -34.77 -1.62
N GLY F 62 -2.74 -35.20 -0.51
CA GLY F 62 -2.70 -36.61 -0.17
C GLY F 62 -1.40 -37.32 -0.46
N GLY F 63 -0.37 -36.60 -0.92
CA GLY F 63 0.88 -37.21 -1.31
C GLY F 63 1.84 -37.40 -0.15
N SER F 64 2.99 -37.98 -0.48
CA SER F 64 4.05 -38.29 0.47
C SER F 64 5.39 -37.84 -0.10
N PRO F 65 5.97 -36.76 0.40
CA PRO F 65 7.21 -36.25 -0.21
C PRO F 65 8.40 -37.12 0.13
N PHE F 66 9.32 -37.24 -0.82
CA PHE F 66 10.63 -37.80 -0.53
C PHE F 66 11.30 -36.99 0.57
N SER F 67 12.00 -37.68 1.48
CA SER F 67 12.52 -37.00 2.67
C SER F 67 13.88 -37.53 3.08
N THR F 68 14.68 -38.01 2.13
CA THR F 68 16.04 -38.47 2.39
C THR F 68 16.92 -38.10 1.21
N LEU F 69 18.22 -37.91 1.48
CA LEU F 69 19.17 -37.65 0.41
C LEU F 69 19.21 -38.81 -0.58
N LYS F 70 19.06 -40.03 -0.08
CA LYS F 70 18.95 -41.21 -0.93
C LYS F 70 17.86 -41.03 -1.98
N GLU F 71 16.64 -40.72 -1.53
CA GLU F 71 15.53 -40.54 -2.45
C GLU F 71 15.72 -39.37 -3.39
N PHE F 72 16.40 -38.31 -2.93
CA PHE F 72 16.62 -37.15 -3.77
C PHE F 72 17.53 -37.49 -4.95
N LEU F 73 18.64 -38.17 -4.68
CA LEU F 73 19.57 -38.55 -5.74
C LEU F 73 18.90 -39.48 -6.74
N GLU F 74 18.08 -40.41 -6.26
CA GLU F 74 17.47 -41.41 -7.12
C GLU F 74 16.46 -40.80 -8.10
N ASN F 75 15.87 -39.67 -7.74
CA ASN F 75 14.72 -39.14 -8.48
C ASN F 75 14.98 -37.80 -9.17
N ALA F 76 16.09 -37.14 -8.89
CA ALA F 76 16.30 -35.77 -9.40
C ALA F 76 16.83 -35.80 -10.82
N SER F 77 16.20 -35.00 -11.69
CA SER F 77 16.75 -34.75 -13.02
C SER F 77 17.84 -33.69 -13.00
N VAL F 78 17.94 -32.93 -11.91
CA VAL F 78 19.04 -31.98 -11.74
C VAL F 78 20.33 -32.73 -11.40
N GLU F 79 21.42 -32.34 -12.04
CA GLU F 79 22.69 -33.05 -11.90
C GLU F 79 23.65 -32.27 -11.03
N GLU F 80 24.45 -33.02 -10.27
CA GLU F 80 25.45 -32.47 -9.37
C GLU F 80 26.80 -33.11 -9.67
N ALA F 81 27.87 -32.36 -9.38
CA ALA F 81 29.22 -32.87 -9.56
C ALA F 81 30.08 -32.39 -8.40
N PRO F 82 30.87 -33.27 -7.79
CA PRO F 82 31.80 -32.82 -6.74
C PRO F 82 32.79 -31.81 -7.31
N TYR F 83 33.36 -31.01 -6.41
CA TYR F 83 34.22 -29.90 -6.78
C TYR F 83 35.66 -30.35 -6.67
N THR F 84 36.24 -30.79 -7.79
CA THR F 84 37.61 -31.26 -7.81
C THR F 84 38.54 -30.18 -8.34
N LYS F 85 38.42 -29.84 -9.64
CA LYS F 85 39.24 -28.79 -10.23
C LYS F 85 38.53 -27.45 -10.14
N PRO F 86 39.29 -26.36 -9.97
CA PRO F 86 38.67 -25.04 -9.79
C PRO F 86 37.91 -24.60 -11.04
N LYS F 87 36.93 -23.71 -10.82
CA LYS F 87 36.09 -23.14 -11.88
C LYS F 87 35.86 -21.67 -11.57
N THR F 88 35.51 -20.89 -12.62
CA THR F 88 35.26 -19.46 -12.48
C THR F 88 33.85 -19.16 -12.03
N MET F 89 33.67 -17.89 -11.65
CA MET F 89 32.35 -17.33 -11.39
C MET F 89 31.44 -17.56 -12.59
N ASP F 90 31.97 -17.33 -13.81
CA ASP F 90 31.15 -17.51 -15.01
C ASP F 90 30.72 -18.96 -15.20
N GLN F 91 31.64 -19.92 -14.98
CA GLN F 91 31.25 -21.32 -15.16
C GLN F 91 30.26 -21.74 -14.09
N LEU F 92 30.45 -21.27 -12.86
CA LEU F 92 29.48 -21.53 -11.80
C LEU F 92 28.13 -20.92 -12.17
N MET F 93 28.13 -19.68 -12.67
CA MET F 93 26.87 -19.03 -13.02
C MET F 93 26.20 -19.71 -14.21
N GLU F 94 27.01 -20.19 -15.17
CA GLU F 94 26.42 -20.90 -16.30
C GLU F 94 25.85 -22.24 -15.86
N ASP F 95 26.48 -22.90 -14.89
CA ASP F 95 25.87 -24.07 -14.26
C ASP F 95 24.57 -23.69 -13.56
N LEU F 96 24.56 -22.55 -12.87
CA LEU F 96 23.35 -22.09 -12.19
C LEU F 96 22.26 -21.75 -13.19
N VAL F 97 22.59 -20.98 -14.23
CA VAL F 97 21.61 -20.62 -15.24
C VAL F 97 21.08 -21.87 -15.95
N GLY F 98 21.95 -22.84 -16.20
CA GLY F 98 21.50 -24.08 -16.80
C GLY F 98 20.45 -24.79 -15.97
N THR F 99 20.70 -24.90 -14.66
CA THR F 99 19.72 -25.54 -13.79
C THR F 99 18.43 -24.73 -13.70
N LEU F 100 18.54 -23.40 -13.69
CA LEU F 100 17.35 -22.56 -13.70
C LEU F 100 16.54 -22.79 -14.98
N GLU F 101 17.21 -22.86 -16.12
CA GLU F 101 16.53 -23.15 -17.38
C GLU F 101 15.85 -24.51 -17.33
N LEU F 102 16.52 -25.51 -16.73
CA LEU F 102 15.90 -26.82 -16.52
C LEU F 102 14.62 -26.69 -15.72
N LEU F 103 14.69 -26.04 -14.54
CA LEU F 103 13.52 -25.88 -13.70
C LEU F 103 12.43 -25.10 -14.43
N ARG F 104 12.80 -24.07 -15.18
CA ARG F 104 11.83 -23.34 -15.99
C ARG F 104 11.08 -24.27 -16.92
N ASP F 105 11.81 -25.08 -17.69
CA ASP F 105 11.18 -25.96 -18.66
C ASP F 105 10.33 -27.03 -17.99
N GLU F 106 10.82 -27.61 -16.88
CA GLU F 106 10.05 -28.63 -16.18
C GLU F 106 8.81 -28.04 -15.51
N TYR F 107 8.91 -26.81 -15.00
CA TYR F 107 7.74 -26.16 -14.42
C TYR F 107 6.70 -25.87 -15.51
N LYS F 108 7.15 -25.46 -16.70
CA LYS F 108 6.25 -25.30 -17.83
C LYS F 108 5.43 -26.56 -18.07
N GLN F 109 6.07 -27.73 -17.95
CA GLN F 109 5.34 -28.99 -18.07
C GLN F 109 4.31 -29.13 -16.97
N GLY F 110 4.71 -28.91 -15.72
CA GLY F 110 3.77 -29.00 -14.62
C GLY F 110 2.62 -28.02 -14.70
N ILE F 111 2.89 -26.81 -15.21
CA ILE F 111 1.83 -25.79 -15.29
C ILE F 111 0.73 -26.24 -16.24
N GLU F 112 1.11 -26.73 -17.41
CA GLU F 112 0.11 -27.26 -18.34
C GLU F 112 -0.51 -28.54 -17.79
N LEU F 113 0.31 -29.42 -17.21
CA LEU F 113 -0.18 -30.67 -16.63
C LEU F 113 -1.22 -30.43 -15.54
N THR F 114 -0.99 -29.46 -14.65
CA THR F 114 -1.89 -29.27 -13.52
C THR F 114 -3.17 -28.53 -13.92
N ASP F 115 -3.06 -27.55 -14.81
CA ASP F 115 -4.25 -26.95 -15.39
C ASP F 115 -5.11 -28.02 -16.08
N LYS F 116 -4.44 -28.98 -16.71
CA LYS F 116 -5.09 -30.06 -17.43
C LYS F 116 -5.93 -30.93 -16.49
N GLU F 117 -5.32 -31.43 -15.42
CA GLU F 117 -6.05 -32.28 -14.47
C GLU F 117 -6.96 -31.49 -13.55
N GLY F 118 -7.03 -30.16 -13.71
CA GLY F 118 -7.90 -29.34 -12.90
C GLY F 118 -7.42 -29.05 -11.49
N ASP F 119 -6.12 -29.10 -11.25
CA ASP F 119 -5.56 -28.74 -9.94
C ASP F 119 -5.20 -27.26 -10.01
N ASP F 120 -6.18 -26.41 -9.68
CA ASP F 120 -6.01 -24.97 -9.87
C ASP F 120 -5.01 -24.39 -8.87
N VAL F 121 -5.02 -24.88 -7.63
CA VAL F 121 -4.11 -24.34 -6.62
C VAL F 121 -2.66 -24.61 -7.01
N THR F 122 -2.34 -25.88 -7.32
CA THR F 122 -0.97 -26.22 -7.71
C THR F 122 -0.57 -25.51 -9.00
N ASN F 123 -1.51 -25.36 -9.93
CA ASN F 123 -1.25 -24.59 -11.14
C ASN F 123 -0.80 -23.18 -10.82
N ASP F 124 -1.55 -22.49 -9.95
CA ASP F 124 -1.22 -21.10 -9.62
C ASP F 124 0.12 -21.02 -8.90
N MET F 125 0.38 -21.96 -8.00
CA MET F 125 1.65 -21.99 -7.28
C MET F 125 2.83 -22.09 -8.24
N LEU F 126 2.74 -22.99 -9.23
CA LEU F 126 3.86 -23.20 -10.13
C LEU F 126 4.09 -21.99 -11.03
N ILE F 127 3.01 -21.30 -11.42
CA ILE F 127 3.15 -20.10 -12.24
C ILE F 127 3.95 -19.03 -11.49
N ALA F 128 3.63 -18.82 -10.21
CA ALA F 128 4.36 -17.84 -9.42
C ALA F 128 5.84 -18.19 -9.32
N PHE F 129 6.15 -19.48 -9.11
CA PHE F 129 7.55 -19.89 -9.06
C PHE F 129 8.24 -19.63 -10.39
N LYS F 130 7.57 -19.93 -11.51
CA LYS F 130 8.17 -19.73 -12.82
C LYS F 130 8.40 -18.25 -13.10
N ALA F 131 7.47 -17.39 -12.64
CA ALA F 131 7.65 -15.95 -12.75
C ALA F 131 8.99 -15.51 -12.17
N SER F 132 9.31 -16.02 -10.98
CA SER F 132 10.58 -15.69 -10.35
C SER F 132 11.75 -16.31 -11.08
N ILE F 133 11.61 -17.58 -11.51
CA ILE F 133 12.69 -18.25 -12.22
C ILE F 133 13.00 -17.53 -13.53
N ASP F 134 11.96 -17.11 -14.25
CA ASP F 134 12.19 -16.36 -15.49
C ASP F 134 12.94 -15.06 -15.22
N LYS F 135 12.62 -14.40 -14.10
CA LYS F 135 13.33 -13.17 -13.74
C LYS F 135 14.80 -13.45 -13.41
N HIS F 136 15.06 -14.53 -12.65
CA HIS F 136 16.43 -14.89 -12.33
C HIS F 136 17.22 -15.22 -13.61
N ILE F 137 16.57 -15.92 -14.55
CA ILE F 137 17.25 -16.26 -15.80
C ILE F 137 17.66 -14.99 -16.54
N TRP F 138 16.73 -14.03 -16.66
CA TRP F 138 17.06 -12.76 -17.30
C TRP F 138 18.23 -12.08 -16.59
N MET F 139 18.17 -11.98 -15.27
CA MET F 139 19.16 -11.20 -14.54
C MET F 139 20.55 -11.85 -14.59
N PHE F 140 20.62 -13.16 -14.40
CA PHE F 140 21.92 -13.83 -14.37
C PHE F 140 22.52 -13.92 -15.77
N LYS F 141 21.69 -14.06 -16.81
CA LYS F 141 22.21 -13.99 -18.18
C LYS F 141 22.75 -12.61 -18.48
N ALA F 142 22.04 -11.56 -18.06
CA ALA F 142 22.57 -10.19 -18.20
C ALA F 142 23.92 -10.06 -17.52
N PHE F 143 24.08 -10.70 -16.36
CA PHE F 143 25.38 -10.73 -15.70
C PHE F 143 26.43 -11.39 -16.58
N LEU F 144 26.05 -12.43 -17.31
CA LEU F 144 26.98 -13.15 -18.18
C LEU F 144 27.20 -12.45 -19.51
N GLY F 145 26.55 -11.31 -19.75
CA GLY F 145 26.69 -10.62 -21.01
C GLY F 145 25.75 -11.09 -22.10
N LYS F 146 24.81 -11.97 -21.79
CA LYS F 146 23.96 -12.62 -22.77
C LYS F 146 22.52 -12.13 -22.66
N ALA F 147 21.76 -12.39 -23.73
CA ALA F 147 20.33 -12.13 -23.74
C ALA F 147 19.60 -13.26 -23.04
N PRO F 148 18.35 -13.02 -22.60
CA PRO F 148 17.65 -14.06 -21.83
C PRO F 148 17.49 -15.38 -22.57
N LEU F 149 17.15 -15.34 -23.84
CA LEU F 149 16.88 -16.55 -24.61
C LEU F 149 17.95 -16.78 -25.69
N GLU F 150 19.13 -16.20 -25.48
CA GLU F 150 20.23 -16.36 -26.42
ZN ZN G . -12.71 -3.39 3.49
ZN ZN H . -11.24 -1.63 1.46
ZN ZN I . -12.92 -4.59 6.97
ZN ZN J . -7.45 -21.49 -14.32
ZN ZN K . -2.27 -16.00 -9.21
ZN ZN L . -4.32 -17.48 -12.29
ZN ZN M . 14.71 -5.81 -10.91
ZN ZN N . 13.26 -2.63 -11.73
ZN ZN O . -16.30 20.35 1.45
ZN ZN P . 3.18 16.36 -2.00
ZN ZN Q . -6.11 15.69 19.85
ZN ZN R . -18.57 18.31 2.13
ZN ZN S . 20.61 24.35 4.47
ZN ZN T . -8.43 13.78 18.94
ZN ZN U . -9.82 -13.91 22.22
ZN ZN V . -7.86 -14.60 24.39
ZN ZN W . -18.03 17.42 -1.10
ZN ZN X . 4.16 15.32 -4.31
ZN ZN Y . 21.87 28.12 2.77
ZN ZN Z . 27.17 -18.45 3.80
ZN ZN AA . 28.76 -16.09 4.14
#